data_4P4N
#
_entry.id   4P4N
#
_cell.length_a   128.568
_cell.length_b   132.696
_cell.length_c   38.612
_cell.angle_alpha   90.000
_cell.angle_beta   90.000
_cell.angle_gamma   90.000
#
_symmetry.space_group_name_H-M   'P 21 21 2'
#
loop_
_entity.id
_entity.type
_entity.pdbx_description
1 polymer 'Shikimate 5-dehydrogenase AroE (5-dehydroshikimate reductase)'
2 non-polymer 'SULFATE ION'
3 water water
#
_entity_poly.entity_id   1
_entity_poly.type   'polypeptide(L)'
_entity_poly.pdbx_seq_one_letter_code
;MSEGPKKAGVLGSPIAHSRSPQLHLAAYRALGLHDWTYERIECGAAELPVVVGGFGPEWVGVSVTMPGKFAALRFADERT
ARADLVGSANTLVRTPHGWRADNTDIDGVAGALGAAAGHALVLGSGGTAPAAVVGLAELGVTDITVVARNSDKAARLVDL
GTRVGVATRFCAFDSGGLADAVAAAEVLVSTIPAEVAAGYAGTLAAIPVLLDAIYDPWPTPLAAAVGSAGGRVISGLQML
LHQAFAQVEQFTGLPAPREAMTCALAALDLDHHHHHH
;
_entity_poly.pdbx_strand_id   A,B,C
#
# COMPACT_ATOMS: atom_id res chain seq x y z
N PRO A 5 26.51 -1.33 -6.60
CA PRO A 5 25.68 -0.53 -5.68
C PRO A 5 25.71 0.95 -6.06
N LYS A 6 24.52 1.51 -6.25
CA LYS A 6 24.42 2.89 -6.69
C LYS A 6 23.57 3.65 -5.70
N LYS A 7 23.61 4.98 -5.80
CA LYS A 7 22.94 5.82 -4.82
C LYS A 7 22.08 6.83 -5.55
N ALA A 8 20.89 7.07 -4.99
CA ALA A 8 20.01 8.12 -5.46
C ALA A 8 19.35 8.74 -4.25
N GLY A 9 18.44 9.67 -4.48
CA GLY A 9 17.77 10.30 -3.36
C GLY A 9 16.90 11.46 -3.81
N VAL A 10 16.41 12.23 -2.85
CA VAL A 10 15.58 13.37 -3.15
C VAL A 10 16.09 14.57 -2.36
N LEU A 11 16.22 15.69 -3.05
CA LEU A 11 16.69 16.93 -2.47
C LEU A 11 15.53 17.89 -2.29
N GLY A 12 15.34 18.40 -1.07
CA GLY A 12 14.28 19.35 -0.84
C GLY A 12 14.31 19.95 0.54
N SER A 13 13.50 20.99 0.74
CA SER A 13 13.37 21.58 2.07
C SER A 13 11.97 22.14 2.24
N PRO A 14 11.17 21.53 3.15
CA PRO A 14 11.49 20.38 4.00
C PRO A 14 11.53 19.08 3.19
N ILE A 15 11.94 17.98 3.80
CA ILE A 15 12.06 16.73 3.04
C ILE A 15 11.69 15.52 3.90
N ALA A 16 11.58 15.71 5.20
CA ALA A 16 11.37 14.58 6.12
C ALA A 16 10.18 13.67 5.79
N HIS A 17 9.14 14.23 5.19
CA HIS A 17 7.93 13.43 4.94
C HIS A 17 7.79 12.97 3.49
N SER A 18 8.84 13.17 2.69
CA SER A 18 8.85 12.72 1.30
C SER A 18 8.42 11.28 1.19
N ARG A 19 7.54 10.99 0.23
CA ARG A 19 7.18 9.60 -0.06
C ARG A 19 7.96 9.08 -1.26
N SER A 20 8.89 9.88 -1.79
CA SER A 20 9.70 9.41 -2.91
C SER A 20 10.53 8.16 -2.63
N PRO A 21 11.14 8.06 -1.42
CA PRO A 21 11.90 6.84 -1.18
C PRO A 21 11.06 5.58 -1.22
N GLN A 22 9.84 5.63 -0.69
CA GLN A 22 8.97 4.45 -0.74
C GLN A 22 8.78 3.97 -2.17
N LEU A 23 8.59 4.91 -3.10
CA LEU A 23 8.31 4.53 -4.48
C LEU A 23 9.57 4.03 -5.19
N HIS A 24 10.65 4.79 -5.05
CA HIS A 24 11.92 4.44 -5.70
C HIS A 24 12.48 3.13 -5.18
N LEU A 25 12.48 2.93 -3.86
CA LEU A 25 13.00 1.69 -3.31
C LEU A 25 12.14 0.47 -3.66
N ALA A 26 10.82 0.64 -3.68
CA ALA A 26 9.95 -0.42 -4.19
C ALA A 26 10.34 -0.80 -5.62
N ALA A 27 10.64 0.21 -6.41
CA ALA A 27 11.04 -0.03 -7.80
C ALA A 27 12.37 -0.78 -7.88
N TYR A 28 13.36 -0.33 -7.11
CA TYR A 28 14.69 -0.95 -7.16
C TYR A 28 14.63 -2.40 -6.72
N ARG A 29 13.80 -2.66 -5.71
CA ARG A 29 13.57 -4.03 -5.25
C ARG A 29 13.00 -4.88 -6.38
N ALA A 30 11.99 -4.37 -7.06
CA ALA A 30 11.34 -5.15 -8.11
C ALA A 30 12.30 -5.43 -9.27
N LEU A 31 13.21 -4.48 -9.49
CA LEU A 31 14.22 -4.57 -10.53
C LEU A 31 15.43 -5.43 -10.12
N GLY A 32 15.47 -5.87 -8.87
CA GLY A 32 16.58 -6.70 -8.40
C GLY A 32 17.80 -5.87 -8.06
N LEU A 33 17.59 -4.56 -7.89
CA LEU A 33 18.66 -3.65 -7.53
C LEU A 33 18.65 -3.45 -6.01
N HIS A 34 18.79 -4.56 -5.30
CA HIS A 34 18.58 -4.59 -3.85
C HIS A 34 19.58 -3.75 -3.05
N ASP A 35 20.76 -3.53 -3.62
CA ASP A 35 21.81 -2.84 -2.92
C ASP A 35 21.77 -1.33 -3.08
N TRP A 36 20.89 -0.83 -3.93
CA TRP A 36 20.77 0.60 -4.15
C TRP A 36 20.09 1.27 -2.96
N THR A 37 20.47 2.53 -2.70
CA THR A 37 19.89 3.29 -1.60
C THR A 37 19.23 4.53 -2.18
N TYR A 38 18.29 5.11 -1.43
CA TYR A 38 17.61 6.33 -1.86
C TYR A 38 17.27 7.10 -0.61
N GLU A 39 17.90 8.26 -0.45
CA GLU A 39 17.90 8.98 0.81
C GLU A 39 17.21 10.33 0.69
N ARG A 40 16.56 10.75 1.77
CA ARG A 40 15.99 12.09 1.85
C ARG A 40 17.06 13.05 2.31
N ILE A 41 17.34 14.06 1.51
CA ILE A 41 18.40 15.02 1.82
C ILE A 41 17.83 16.42 2.00
N GLU A 42 17.98 16.97 3.20
CA GLU A 42 17.53 18.34 3.45
C GLU A 42 18.36 19.28 2.60
N CYS A 43 17.74 20.00 1.68
CA CYS A 43 18.52 20.80 0.76
C CYS A 43 17.71 21.93 0.13
N GLY A 44 18.13 23.17 0.38
CA GLY A 44 17.53 24.34 -0.23
C GLY A 44 18.14 24.71 -1.59
N ALA A 45 17.74 25.87 -2.13
CA ALA A 45 18.18 26.24 -3.47
C ALA A 45 19.69 26.50 -3.55
N ALA A 46 20.19 27.28 -2.61
CA ALA A 46 21.60 27.66 -2.58
C ALA A 46 22.49 26.47 -2.27
N GLU A 47 21.93 25.51 -1.54
CA GLU A 47 22.67 24.33 -1.11
C GLU A 47 22.76 23.24 -2.18
N LEU A 48 21.85 23.26 -3.15
CA LEU A 48 21.83 22.23 -4.20
C LEU A 48 23.19 22.00 -4.89
N PRO A 49 23.87 23.07 -5.37
CA PRO A 49 25.18 22.85 -5.99
C PRO A 49 26.20 22.24 -5.03
N VAL A 50 26.09 22.54 -3.72
CA VAL A 50 27.04 22.01 -2.75
C VAL A 50 26.87 20.50 -2.63
N VAL A 51 25.61 20.08 -2.48
CA VAL A 51 25.31 18.66 -2.33
C VAL A 51 25.60 17.85 -3.59
N VAL A 52 25.07 18.28 -4.74
CA VAL A 52 25.23 17.50 -5.97
C VAL A 52 26.70 17.50 -6.38
N GLY A 53 27.39 18.61 -6.14
CA GLY A 53 28.79 18.72 -6.48
C GLY A 53 29.65 17.80 -5.64
N GLY A 54 29.14 17.45 -4.46
CA GLY A 54 29.89 16.61 -3.54
C GLY A 54 29.60 15.13 -3.68
N PHE A 55 28.65 14.78 -4.54
CA PHE A 55 28.29 13.38 -4.75
C PHE A 55 29.45 12.57 -5.29
N GLY A 56 29.72 11.43 -4.67
CA GLY A 56 30.68 10.48 -5.19
C GLY A 56 30.17 9.82 -6.46
N PRO A 57 31.04 9.02 -7.11
CA PRO A 57 30.74 8.38 -8.41
C PRO A 57 29.59 7.37 -8.40
N GLU A 58 29.23 6.83 -7.23
CA GLU A 58 28.13 5.85 -7.13
C GLU A 58 26.75 6.48 -7.24
N TRP A 59 26.69 7.80 -7.20
CA TRP A 59 25.42 8.51 -7.38
C TRP A 59 24.98 8.53 -8.85
N VAL A 60 23.81 7.99 -9.14
CA VAL A 60 23.31 7.91 -10.51
C VAL A 60 22.40 9.09 -10.85
N GLY A 61 21.84 9.71 -9.83
CA GLY A 61 20.94 10.84 -10.06
C GLY A 61 20.16 11.14 -8.80
N VAL A 62 19.43 12.25 -8.79
CA VAL A 62 18.58 12.59 -7.66
C VAL A 62 17.30 13.26 -8.12
N SER A 63 16.24 13.04 -7.35
CA SER A 63 15.00 13.78 -7.49
C SER A 63 15.15 15.12 -6.79
N VAL A 64 14.51 16.15 -7.33
CA VAL A 64 14.59 17.48 -6.70
C VAL A 64 13.19 18.00 -6.53
N THR A 65 12.85 18.32 -5.29
CA THR A 65 11.54 18.89 -5.00
C THR A 65 11.76 20.34 -4.52
N MET A 66 10.71 21.03 -4.10
CA MET A 66 10.83 22.42 -3.63
C MET A 66 11.86 22.53 -2.51
N PRO A 67 12.66 23.60 -2.52
CA PRO A 67 12.62 24.76 -3.43
C PRO A 67 13.74 24.77 -4.47
N GLY A 68 14.30 23.60 -4.79
CA GLY A 68 15.48 23.55 -5.62
C GLY A 68 15.32 23.34 -7.12
N LYS A 69 14.10 23.37 -7.62
CA LYS A 69 13.89 22.94 -9.01
C LYS A 69 14.45 23.93 -10.06
N PHE A 70 14.56 25.19 -9.69
CA PHE A 70 15.13 26.18 -10.62
C PHE A 70 16.64 26.09 -10.59
N ALA A 71 17.19 25.92 -9.38
CA ALA A 71 18.64 25.74 -9.21
C ALA A 71 19.09 24.44 -9.87
N ALA A 72 18.22 23.43 -9.86
CA ALA A 72 18.54 22.15 -10.48
C ALA A 72 18.70 22.33 -11.97
N LEU A 73 17.79 23.10 -12.58
CA LEU A 73 17.90 23.34 -14.02
C LEU A 73 19.22 24.07 -14.36
N ARG A 74 19.58 25.06 -13.55
CA ARG A 74 20.82 25.83 -13.76
C ARG A 74 22.10 25.05 -13.55
N PHE A 75 22.08 24.12 -12.60
CA PHE A 75 23.29 23.37 -12.24
C PHE A 75 23.66 22.39 -13.34
N ALA A 76 22.66 21.84 -14.01
CA ALA A 76 22.90 20.86 -15.05
C ALA A 76 23.59 21.52 -16.23
N ASP A 77 24.42 20.75 -16.92
CA ASP A 77 25.07 21.24 -18.12
C ASP A 77 24.27 20.85 -19.36
N GLU A 78 23.28 19.98 -19.16
CA GLU A 78 22.44 19.51 -20.26
C GLU A 78 20.99 19.53 -19.77
N ARG A 79 20.05 19.98 -20.59
CA ARG A 79 18.66 20.08 -20.14
C ARG A 79 17.75 19.54 -21.21
N THR A 80 16.71 18.79 -20.84
CA THR A 80 15.77 18.28 -21.84
C THR A 80 14.89 19.42 -22.35
N ALA A 81 14.37 19.28 -23.56
CA ALA A 81 13.50 20.30 -24.14
C ALA A 81 12.32 20.58 -23.20
N ARG A 82 11.76 19.53 -22.61
CA ARG A 82 10.58 19.74 -21.77
C ARG A 82 10.92 20.45 -20.46
N ALA A 83 12.10 20.17 -19.89
CA ALA A 83 12.56 20.93 -18.73
C ALA A 83 12.69 22.41 -19.08
N ASP A 84 13.30 22.67 -20.24
CA ASP A 84 13.42 24.03 -20.74
C ASP A 84 12.05 24.67 -20.90
N LEU A 85 11.11 23.90 -21.45
CA LEU A 85 9.78 24.44 -21.72
C LEU A 85 9.09 24.88 -20.42
N VAL A 86 9.16 24.06 -19.37
CA VAL A 86 8.48 24.45 -18.13
C VAL A 86 9.30 25.39 -17.26
N GLY A 87 10.61 25.46 -17.51
CA GLY A 87 11.46 26.40 -16.79
C GLY A 87 12.07 25.93 -15.46
N SER A 88 12.01 24.64 -15.17
CA SER A 88 12.60 24.11 -13.94
C SER A 88 12.78 22.60 -14.09
N ALA A 89 13.52 21.99 -13.15
CA ALA A 89 13.79 20.55 -13.26
C ALA A 89 13.59 19.84 -11.94
N ASN A 90 12.88 18.71 -11.96
CA ASN A 90 12.73 17.90 -10.74
C ASN A 90 13.62 16.66 -10.76
N THR A 91 14.49 16.57 -11.76
CA THR A 91 15.32 15.37 -11.95
C THR A 91 16.71 15.76 -12.42
N LEU A 92 17.74 15.20 -11.76
CA LEU A 92 19.11 15.33 -12.25
C LEU A 92 19.68 13.92 -12.47
N VAL A 93 20.27 13.69 -13.64
CA VAL A 93 20.79 12.36 -13.96
C VAL A 93 22.26 12.49 -14.28
N ARG A 94 23.10 11.65 -13.67
CA ARG A 94 24.52 11.72 -13.97
C ARG A 94 24.80 11.23 -15.40
N THR A 95 25.63 11.99 -16.11
CA THR A 95 26.10 11.64 -17.44
C THR A 95 27.63 11.55 -17.38
N PRO A 96 28.28 10.95 -18.40
CA PRO A 96 29.74 10.77 -18.32
C PRO A 96 30.53 11.99 -17.85
N HIS A 97 30.21 13.15 -18.40
CA HIS A 97 30.94 14.38 -18.06
C HIS A 97 30.22 15.29 -17.07
N GLY A 98 28.89 15.17 -16.96
CA GLY A 98 28.14 16.06 -16.08
C GLY A 98 26.78 15.58 -15.60
N TRP A 99 25.80 16.47 -15.71
CA TRP A 99 24.46 16.23 -15.21
C TRP A 99 23.42 16.72 -16.20
N ARG A 100 22.39 15.90 -16.41
CA ARG A 100 21.27 16.26 -17.27
C ARG A 100 20.06 16.53 -16.42
N ALA A 101 19.37 17.64 -16.73
CA ALA A 101 18.16 18.01 -16.01
C ALA A 101 16.94 17.64 -16.84
N ASP A 102 15.92 17.09 -16.19
CA ASP A 102 14.64 16.83 -16.84
C ASP A 102 13.52 17.28 -15.92
N ASN A 103 12.30 17.38 -16.45
CA ASN A 103 11.17 17.64 -15.57
C ASN A 103 10.07 16.61 -15.78
N THR A 104 9.91 15.72 -14.82
CA THR A 104 8.93 14.63 -14.97
C THR A 104 7.58 14.97 -14.36
N ASP A 105 7.43 16.20 -13.84
CA ASP A 105 6.15 16.67 -13.31
C ASP A 105 5.13 16.76 -14.45
N ILE A 106 5.64 16.93 -15.67
CA ILE A 106 4.77 16.87 -16.84
C ILE A 106 4.14 15.49 -16.93
N ASP A 107 4.96 14.45 -16.74
CA ASP A 107 4.45 13.08 -16.78
C ASP A 107 3.50 12.86 -15.59
N GLY A 108 3.84 13.49 -14.47
CA GLY A 108 3.02 13.43 -13.28
C GLY A 108 1.59 13.86 -13.54
N VAL A 109 1.39 14.95 -14.27
CA VAL A 109 0.05 15.43 -14.54
C VAL A 109 -0.60 14.60 -15.65
N ALA A 110 0.08 14.44 -16.78
CA ALA A 110 -0.52 13.74 -17.92
C ALA A 110 -0.85 12.28 -17.60
N GLY A 111 0.03 11.62 -16.87
CA GLY A 111 -0.19 10.24 -16.49
C GLY A 111 -1.28 10.10 -15.44
N ALA A 112 -1.33 11.02 -14.48
CA ALA A 112 -2.36 10.92 -13.44
C ALA A 112 -3.75 11.10 -14.04
N LEU A 113 -3.86 11.96 -15.05
CA LEU A 113 -5.16 12.19 -15.71
C LEU A 113 -5.50 11.13 -16.75
N GLY A 114 -4.48 10.59 -17.41
CA GLY A 114 -4.67 9.57 -18.44
C GLY A 114 -5.16 10.15 -19.76
N ALA A 115 -6.29 10.85 -19.72
CA ALA A 115 -6.80 11.56 -20.89
C ALA A 115 -7.49 12.85 -20.50
N ALA A 116 -7.57 13.78 -21.46
CA ALA A 116 -8.33 15.01 -21.29
C ALA A 116 -8.47 15.70 -22.64
N ALA A 117 -9.51 16.51 -22.79
CA ALA A 117 -9.71 17.24 -24.03
C ALA A 117 -10.39 18.57 -23.76
N GLY A 118 -10.60 19.36 -24.81
CA GLY A 118 -11.34 20.59 -24.70
C GLY A 118 -10.81 21.54 -23.64
N HIS A 119 -11.65 21.89 -22.67
CA HIS A 119 -11.31 22.92 -21.70
C HIS A 119 -10.82 22.37 -20.36
N ALA A 120 -9.79 23.01 -19.83
CA ALA A 120 -9.23 22.66 -18.53
C ALA A 120 -9.07 23.90 -17.70
N LEU A 121 -8.98 23.69 -16.38
CA LEU A 121 -8.82 24.77 -15.44
C LEU A 121 -7.57 24.46 -14.60
N VAL A 122 -6.67 25.43 -14.48
CA VAL A 122 -5.48 25.25 -13.63
C VAL A 122 -5.43 26.30 -12.53
N LEU A 123 -5.38 25.87 -11.27
CA LEU A 123 -5.22 26.80 -10.15
C LEU A 123 -3.74 26.94 -9.80
N GLY A 124 -3.27 28.18 -9.68
CA GLY A 124 -1.88 28.46 -9.35
C GLY A 124 -1.08 28.98 -10.52
N SER A 125 -0.04 29.76 -10.24
CA SER A 125 0.76 30.36 -11.31
C SER A 125 2.19 29.81 -11.33
N GLY A 126 2.66 29.30 -10.19
CA GLY A 126 4.00 28.72 -10.12
C GLY A 126 3.97 27.26 -9.69
N GLY A 127 5.03 26.79 -9.02
CA GLY A 127 5.08 25.41 -8.56
C GLY A 127 4.96 24.42 -9.72
N THR A 128 4.06 23.46 -9.61
CA THR A 128 3.83 22.51 -10.70
C THR A 128 2.85 23.01 -11.76
N ALA A 129 2.42 24.27 -11.66
CA ALA A 129 1.47 24.79 -12.64
C ALA A 129 1.99 24.75 -14.10
N PRO A 130 3.25 25.18 -14.33
CA PRO A 130 3.73 25.07 -15.72
C PRO A 130 3.75 23.65 -16.25
N ALA A 131 4.22 22.69 -15.46
CA ALA A 131 4.12 21.27 -15.81
C ALA A 131 2.69 20.84 -16.12
N ALA A 132 1.72 21.36 -15.37
CA ALA A 132 0.34 20.95 -15.59
C ALA A 132 -0.17 21.43 -16.93
N VAL A 133 0.17 22.68 -17.28
CA VAL A 133 -0.21 23.24 -18.57
C VAL A 133 0.37 22.41 -19.71
N VAL A 134 1.66 22.13 -19.63
CA VAL A 134 2.30 21.30 -20.66
C VAL A 134 1.70 19.90 -20.72
N GLY A 135 1.54 19.25 -19.57
CA GLY A 135 0.88 17.95 -19.48
C GLY A 135 -0.54 17.93 -20.04
N LEU A 136 -1.32 18.94 -19.72
CA LEU A 136 -2.66 19.09 -20.30
C LEU A 136 -2.61 19.25 -21.82
N ALA A 137 -1.70 20.09 -22.30
CA ALA A 137 -1.53 20.30 -23.75
C ALA A 137 -1.15 19.00 -24.42
N GLU A 138 -0.26 18.26 -23.77
CA GLU A 138 0.23 16.97 -24.25
C GLU A 138 -0.91 15.99 -24.49
N LEU A 139 -1.89 15.98 -23.59
CA LEU A 139 -3.06 15.10 -23.70
C LEU A 139 -4.03 15.59 -24.79
N GLY A 140 -3.90 16.85 -25.19
CA GLY A 140 -4.71 17.36 -26.29
C GLY A 140 -5.76 18.38 -25.88
N VAL A 141 -5.61 18.92 -24.66
CA VAL A 141 -6.46 20.01 -24.21
C VAL A 141 -6.23 21.21 -25.13
N THR A 142 -7.32 21.89 -25.50
CA THR A 142 -7.25 22.98 -26.48
C THR A 142 -7.52 24.35 -25.88
N ASP A 143 -7.97 24.37 -24.63
CA ASP A 143 -8.32 25.62 -23.97
C ASP A 143 -8.00 25.50 -22.50
N ILE A 144 -7.23 26.45 -21.97
CA ILE A 144 -6.91 26.42 -20.54
C ILE A 144 -7.20 27.78 -19.89
N THR A 145 -7.87 27.75 -18.74
CA THR A 145 -8.01 28.95 -17.93
C THR A 145 -7.14 28.81 -16.69
N VAL A 146 -6.28 29.81 -16.49
CA VAL A 146 -5.39 29.83 -15.33
C VAL A 146 -6.01 30.75 -14.30
N VAL A 147 -6.28 30.20 -13.12
CA VAL A 147 -6.83 31.00 -12.03
C VAL A 147 -5.75 31.11 -10.96
N ALA A 148 -5.33 32.33 -10.66
CA ALA A 148 -4.22 32.50 -9.72
C ALA A 148 -4.26 33.86 -9.04
N ARG A 149 -3.57 33.94 -7.90
CA ARG A 149 -3.46 35.19 -7.14
C ARG A 149 -2.47 36.17 -7.79
N ASN A 150 -1.33 35.64 -8.23
CA ASN A 150 -0.28 36.46 -8.82
C ASN A 150 -0.52 36.66 -10.31
N SER A 151 -1.00 37.85 -10.66
CA SER A 151 -1.38 38.16 -12.03
C SER A 151 -0.18 38.27 -12.98
N ASP A 152 0.98 38.61 -12.44
CA ASP A 152 2.17 38.74 -13.27
C ASP A 152 2.74 37.37 -13.66
N LYS A 153 2.81 36.46 -12.70
CA LYS A 153 3.27 35.11 -12.96
C LYS A 153 2.28 34.36 -13.83
N ALA A 154 1.00 34.63 -13.61
CA ALA A 154 -0.05 33.99 -14.40
C ALA A 154 0.07 34.35 -15.88
N ALA A 155 0.45 35.59 -16.18
CA ALA A 155 0.64 35.99 -17.58
C ALA A 155 1.76 35.20 -18.25
N ARG A 156 2.78 34.84 -17.48
CA ARG A 156 3.87 34.05 -18.02
C ARG A 156 3.39 32.64 -18.32
N LEU A 157 2.56 32.12 -17.43
CA LEU A 157 1.99 30.80 -17.61
C LEU A 157 1.04 30.79 -18.81
N VAL A 158 0.29 31.88 -18.97
CA VAL A 158 -0.59 32.04 -20.11
C VAL A 158 0.20 31.99 -21.43
N ASP A 159 1.32 32.70 -21.47
CA ASP A 159 2.14 32.68 -22.68
C ASP A 159 2.69 31.28 -22.98
N LEU A 160 3.06 30.54 -21.94
CA LEU A 160 3.55 29.17 -22.11
C LEU A 160 2.46 28.29 -22.74
N GLY A 161 1.23 28.45 -22.25
CA GLY A 161 0.07 27.75 -22.80
C GLY A 161 -0.10 28.07 -24.28
N THR A 162 0.00 29.35 -24.61
CA THR A 162 -0.09 29.79 -26.00
C THR A 162 1.00 29.15 -26.86
N ARG A 163 2.19 29.01 -26.29
CA ARG A 163 3.34 28.50 -27.04
C ARG A 163 3.34 26.99 -27.22
N VAL A 164 2.48 26.28 -26.50
CA VAL A 164 2.31 24.85 -26.73
C VAL A 164 0.98 24.57 -27.44
N GLY A 165 0.44 25.62 -28.06
CA GLY A 165 -0.68 25.48 -28.98
C GLY A 165 -2.05 25.52 -28.33
N VAL A 166 -2.12 26.02 -27.10
CA VAL A 166 -3.36 26.01 -26.33
C VAL A 166 -3.95 27.40 -26.10
N ALA A 167 -5.23 27.57 -26.43
CA ALA A 167 -5.93 28.83 -26.14
C ALA A 167 -5.94 29.02 -24.62
N THR A 168 -5.17 29.98 -24.13
CA THR A 168 -4.96 30.12 -22.68
C THR A 168 -5.29 31.53 -22.21
N ARG A 169 -5.97 31.63 -21.07
CA ARG A 169 -6.32 32.93 -20.53
C ARG A 169 -6.16 32.95 -19.02
N PHE A 170 -6.11 34.16 -18.46
CA PHE A 170 -6.09 34.34 -17.02
C PHE A 170 -7.48 34.71 -16.52
N CYS A 171 -7.86 34.16 -15.38
CA CYS A 171 -9.07 34.55 -14.67
C CYS A 171 -8.73 34.77 -13.20
N ALA A 172 -8.85 36.00 -12.73
CA ALA A 172 -8.60 36.28 -11.32
C ALA A 172 -9.61 35.55 -10.43
N PHE A 173 -9.20 35.22 -9.20
CA PHE A 173 -9.99 34.41 -8.28
C PHE A 173 -11.31 35.05 -7.87
N ASP A 174 -11.26 36.33 -7.57
CA ASP A 174 -12.39 37.01 -6.98
C ASP A 174 -12.91 38.06 -7.96
N SER A 175 -12.87 37.70 -9.24
CA SER A 175 -13.27 38.59 -10.32
C SER A 175 -14.68 38.30 -10.82
N GLY A 176 -15.29 37.24 -10.30
CA GLY A 176 -16.64 36.88 -10.68
C GLY A 176 -16.70 36.02 -11.93
N GLY A 177 -15.58 35.43 -12.32
CA GLY A 177 -15.52 34.65 -13.55
C GLY A 177 -15.30 33.17 -13.28
N LEU A 178 -15.11 32.83 -12.02
CA LEU A 178 -14.72 31.46 -11.67
C LEU A 178 -15.80 30.44 -11.97
N ALA A 179 -17.04 30.74 -11.59
CA ALA A 179 -18.17 29.84 -11.88
C ALA A 179 -18.25 29.55 -13.38
N ASP A 180 -18.18 30.60 -14.19
CA ASP A 180 -18.23 30.45 -15.64
C ASP A 180 -17.05 29.59 -16.12
N ALA A 181 -15.90 29.75 -15.48
CA ALA A 181 -14.74 28.96 -15.87
C ALA A 181 -14.91 27.49 -15.52
N VAL A 182 -15.45 27.20 -14.34
CA VAL A 182 -15.70 25.83 -13.94
C VAL A 182 -16.73 25.19 -14.87
N ALA A 183 -17.78 25.94 -15.19
CA ALA A 183 -18.87 25.39 -16.01
C ALA A 183 -18.39 25.02 -17.40
N ALA A 184 -17.33 25.67 -17.86
CA ALA A 184 -16.84 25.42 -19.21
C ALA A 184 -15.75 24.35 -19.30
N ALA A 185 -15.14 24.00 -18.16
CA ALA A 185 -14.02 23.05 -18.15
C ALA A 185 -14.45 21.64 -17.75
N GLU A 186 -13.74 20.63 -18.25
CA GLU A 186 -14.02 19.24 -17.89
C GLU A 186 -13.07 18.72 -16.79
N VAL A 187 -11.94 19.40 -16.63
CA VAL A 187 -10.95 18.97 -15.65
C VAL A 187 -10.30 20.15 -14.93
N LEU A 188 -10.08 19.99 -13.63
CA LEU A 188 -9.39 20.99 -12.81
C LEU A 188 -8.11 20.40 -12.23
N VAL A 189 -7.00 21.09 -12.43
CA VAL A 189 -5.75 20.71 -11.79
C VAL A 189 -5.39 21.80 -10.80
N SER A 190 -5.35 21.46 -9.51
CA SER A 190 -5.07 22.44 -8.48
C SER A 190 -3.65 22.27 -7.96
N THR A 191 -2.87 23.35 -8.01
CA THR A 191 -1.47 23.33 -7.61
C THR A 191 -1.27 24.26 -6.42
N ILE A 192 -2.35 24.86 -5.93
CA ILE A 192 -2.27 25.81 -4.82
C ILE A 192 -2.44 25.09 -3.49
N PRO A 193 -2.08 25.74 -2.37
CA PRO A 193 -2.30 25.10 -1.06
C PRO A 193 -3.76 24.79 -0.77
N ALA A 194 -4.01 23.70 -0.04
CA ALA A 194 -5.38 23.30 0.29
C ALA A 194 -6.07 24.39 1.09
N GLU A 195 -5.29 25.14 1.86
CA GLU A 195 -5.80 26.22 2.69
C GLU A 195 -6.35 27.37 1.87
N VAL A 196 -5.76 27.57 0.69
CA VAL A 196 -6.20 28.66 -0.20
C VAL A 196 -7.40 28.20 -1.03
N ALA A 197 -7.33 26.97 -1.54
CA ALA A 197 -8.40 26.45 -2.37
C ALA A 197 -9.70 26.25 -1.58
N ALA A 198 -9.59 26.03 -0.28
CA ALA A 198 -10.74 25.61 0.52
C ALA A 198 -11.94 26.53 0.40
N GLY A 199 -11.69 27.84 0.44
CA GLY A 199 -12.77 28.82 0.36
C GLY A 199 -13.50 28.81 -0.97
N TYR A 200 -12.89 28.25 -2.00
CA TYR A 200 -13.51 28.22 -3.33
C TYR A 200 -14.15 26.87 -3.62
N ALA A 201 -14.06 25.96 -2.65
CA ALA A 201 -14.48 24.57 -2.85
C ALA A 201 -15.91 24.44 -3.36
N GLY A 202 -16.80 25.28 -2.84
CA GLY A 202 -18.20 25.27 -3.24
C GLY A 202 -18.41 25.61 -4.71
N THR A 203 -17.60 26.54 -5.22
CA THR A 203 -17.70 26.90 -6.64
C THR A 203 -17.04 25.84 -7.52
N LEU A 204 -15.93 25.28 -7.04
CA LEU A 204 -15.15 24.33 -7.84
C LEU A 204 -15.73 22.92 -7.82
N ALA A 205 -16.67 22.67 -6.90
CA ALA A 205 -17.19 21.33 -6.63
C ALA A 205 -17.79 20.65 -7.85
N ALA A 206 -18.37 21.45 -8.73
CA ALA A 206 -19.09 20.93 -9.91
C ALA A 206 -18.20 20.38 -11.02
N ILE A 207 -16.89 20.56 -10.91
CA ILE A 207 -15.98 20.11 -11.97
C ILE A 207 -16.10 18.59 -12.15
N PRO A 208 -16.10 18.12 -13.39
CA PRO A 208 -16.23 16.67 -13.60
C PRO A 208 -15.05 15.88 -13.06
N VAL A 209 -13.84 16.41 -13.19
CA VAL A 209 -12.62 15.72 -12.76
C VAL A 209 -11.68 16.67 -12.03
N LEU A 210 -11.25 16.28 -10.83
CA LEU A 210 -10.26 17.03 -10.06
C LEU A 210 -8.94 16.27 -9.95
N LEU A 211 -7.85 16.94 -10.29
CA LEU A 211 -6.53 16.48 -9.90
C LEU A 211 -5.97 17.49 -8.90
N ASP A 212 -5.88 17.09 -7.64
CA ASP A 212 -5.35 17.95 -6.59
C ASP A 212 -3.90 17.55 -6.32
N ALA A 213 -2.96 18.48 -6.50
CA ALA A 213 -1.54 18.16 -6.31
C ALA A 213 -1.21 17.87 -4.85
N ILE A 214 -2.07 18.32 -3.94
CA ILE A 214 -1.85 18.10 -2.52
C ILE A 214 -2.18 16.66 -2.16
N TYR A 215 -1.37 16.01 -1.32
CA TYR A 215 -1.70 14.65 -0.87
C TYR A 215 -1.58 14.43 0.65
N ASP A 216 -1.08 15.43 1.37
CA ASP A 216 -0.89 15.27 2.81
C ASP A 216 -0.99 16.62 3.52
N PRO A 217 -1.97 16.78 4.41
CA PRO A 217 -3.00 15.83 4.86
C PRO A 217 -4.03 15.59 3.77
N TRP A 218 -4.78 14.50 3.88
CA TRP A 218 -5.81 14.16 2.89
C TRP A 218 -7.05 13.72 3.63
N PRO A 219 -8.25 14.05 3.13
CA PRO A 219 -8.53 14.80 1.90
C PRO A 219 -8.39 16.29 2.15
N THR A 220 -8.12 17.04 1.08
CA THR A 220 -8.23 18.47 1.15
C THR A 220 -9.72 18.80 1.16
N PRO A 221 -10.08 20.02 1.62
CA PRO A 221 -11.48 20.45 1.51
C PRO A 221 -11.98 20.42 0.06
N LEU A 222 -11.14 20.82 -0.89
CA LEU A 222 -11.55 20.78 -2.29
C LEU A 222 -11.87 19.35 -2.75
N ALA A 223 -11.02 18.40 -2.38
CA ALA A 223 -11.24 17.00 -2.78
C ALA A 223 -12.53 16.46 -2.19
N ALA A 224 -12.81 16.83 -0.94
CA ALA A 224 -14.00 16.36 -0.27
C ALA A 224 -15.24 16.91 -0.97
N ALA A 225 -15.16 18.15 -1.43
CA ALA A 225 -16.29 18.80 -2.09
C ALA A 225 -16.59 18.15 -3.43
N VAL A 226 -15.55 17.95 -4.23
CA VAL A 226 -15.71 17.30 -5.54
C VAL A 226 -16.18 15.84 -5.38
N GLY A 227 -15.59 15.12 -4.44
CA GLY A 227 -15.98 13.74 -4.19
C GLY A 227 -17.43 13.64 -3.74
N SER A 228 -17.85 14.61 -2.95
CA SER A 228 -19.23 14.67 -2.47
C SER A 228 -20.21 14.85 -3.65
N ALA A 229 -19.80 15.64 -4.63
CA ALA A 229 -20.61 15.91 -5.82
C ALA A 229 -20.56 14.77 -6.83
N GLY A 230 -19.62 13.86 -6.65
CA GLY A 230 -19.55 12.70 -7.53
C GLY A 230 -18.53 12.89 -8.63
N GLY A 231 -17.82 14.00 -8.61
CA GLY A 231 -16.77 14.19 -9.59
C GLY A 231 -15.67 13.18 -9.36
N ARG A 232 -14.88 12.91 -10.40
CA ARG A 232 -13.71 12.05 -10.27
C ARG A 232 -12.65 12.80 -9.48
N VAL A 233 -12.12 12.18 -8.44
CA VAL A 233 -11.07 12.81 -7.65
C VAL A 233 -9.76 12.03 -7.74
N ILE A 234 -8.69 12.73 -8.07
CA ILE A 234 -7.35 12.14 -8.17
C ILE A 234 -6.44 12.86 -7.19
N SER A 235 -5.87 12.15 -6.22
CA SER A 235 -4.99 12.79 -5.24
C SER A 235 -3.59 13.04 -5.79
N GLY A 236 -2.85 13.89 -5.07
CA GLY A 236 -1.46 14.20 -5.40
C GLY A 236 -0.54 12.98 -5.46
N LEU A 237 -0.96 11.90 -4.80
CA LEU A 237 -0.19 10.64 -4.80
C LEU A 237 -0.04 10.08 -6.20
N GLN A 238 -1.08 10.23 -7.02
CA GLN A 238 -1.03 9.77 -8.41
C GLN A 238 -0.03 10.56 -9.23
N MET A 239 0.07 11.87 -8.97
CA MET A 239 1.09 12.66 -9.65
C MET A 239 2.48 12.20 -9.26
N LEU A 240 2.66 11.95 -7.97
CA LEU A 240 3.94 11.46 -7.45
C LEU A 240 4.31 10.14 -8.09
N LEU A 241 3.34 9.25 -8.24
CA LEU A 241 3.59 7.96 -8.88
C LEU A 241 4.03 8.17 -10.31
N HIS A 242 3.27 8.97 -11.04
CA HIS A 242 3.53 9.09 -12.47
C HIS A 242 4.78 9.90 -12.80
N GLN A 243 5.16 10.84 -11.93
CA GLN A 243 6.42 11.54 -12.16
C GLN A 243 7.63 10.66 -11.79
N ALA A 244 7.39 9.63 -10.98
CA ALA A 244 8.49 8.77 -10.54
C ALA A 244 8.92 7.73 -11.57
N PHE A 245 7.98 7.32 -12.43
CA PHE A 245 8.27 6.32 -13.46
C PHE A 245 9.49 6.70 -14.32
N ALA A 246 9.48 7.92 -14.84
CA ALA A 246 10.55 8.38 -15.72
C ALA A 246 11.87 8.55 -14.97
N GLN A 247 11.80 8.94 -13.70
CA GLN A 247 13.03 9.05 -12.92
C GLN A 247 13.67 7.68 -12.70
N VAL A 248 12.85 6.69 -12.39
CA VAL A 248 13.36 5.33 -12.21
C VAL A 248 14.03 4.85 -13.49
N GLU A 249 13.41 5.11 -14.64
CA GLU A 249 13.99 4.70 -15.91
C GLU A 249 15.32 5.39 -16.20
N GLN A 250 15.38 6.70 -15.94
CA GLN A 250 16.62 7.43 -16.19
C GLN A 250 17.72 7.06 -15.20
N PHE A 251 17.34 6.70 -13.97
CA PHE A 251 18.35 6.33 -12.97
C PHE A 251 18.88 4.90 -13.19
N THR A 252 17.99 4.00 -13.62
CA THR A 252 18.35 2.57 -13.70
C THR A 252 18.65 2.02 -15.10
N GLY A 253 18.15 2.68 -16.14
CA GLY A 253 18.27 2.15 -17.48
C GLY A 253 17.31 0.98 -17.76
N LEU A 254 16.37 0.75 -16.85
CA LEU A 254 15.39 -0.33 -16.96
C LEU A 254 13.97 0.24 -16.99
N PRO A 255 12.99 -0.52 -17.49
CA PRO A 255 11.61 -0.02 -17.47
C PRO A 255 11.06 0.11 -16.06
N ALA A 256 10.28 1.16 -15.82
CA ALA A 256 9.65 1.34 -14.51
C ALA A 256 8.79 0.13 -14.19
N PRO A 257 8.96 -0.44 -12.97
CA PRO A 257 8.12 -1.58 -12.64
C PRO A 257 6.80 -1.04 -12.07
N ARG A 258 5.80 -0.90 -12.95
CA ARG A 258 4.64 -0.08 -12.61
C ARG A 258 3.75 -0.74 -11.58
N GLU A 259 3.62 -2.05 -11.66
CA GLU A 259 2.81 -2.80 -10.70
C GLU A 259 3.41 -2.71 -9.30
N ALA A 260 4.72 -2.94 -9.18
CA ALA A 260 5.36 -2.83 -7.87
C ALA A 260 5.26 -1.42 -7.29
N MET A 261 5.47 -0.40 -8.11
CA MET A 261 5.35 0.97 -7.61
C MET A 261 3.91 1.33 -7.31
N THR A 262 2.98 0.73 -8.05
CA THR A 262 1.56 0.99 -7.79
C THR A 262 1.14 0.33 -6.46
N CYS A 263 1.69 -0.85 -6.18
CA CYS A 263 1.44 -1.49 -4.88
C CYS A 263 1.97 -0.64 -3.74
N ALA A 264 3.15 -0.06 -3.93
CA ALA A 264 3.73 0.78 -2.89
C ALA A 264 2.91 2.07 -2.68
N LEU A 265 2.33 2.60 -3.76
CA LEU A 265 1.49 3.79 -3.65
C LEU A 265 0.17 3.49 -2.93
N ALA A 266 -0.38 2.30 -3.18
CA ALA A 266 -1.61 1.91 -2.49
C ALA A 266 -1.38 1.88 -1.00
N ALA A 267 -0.21 1.39 -0.59
CA ALA A 267 0.14 1.38 0.83
C ALA A 267 0.23 2.82 1.32
N LEU A 268 0.79 3.71 0.50
CA LEU A 268 0.81 5.13 0.84
C LEU A 268 -0.62 5.67 0.92
N PRO B 5 -13.62 -12.63 -41.27
CA PRO B 5 -14.91 -11.98 -41.03
C PRO B 5 -15.69 -12.70 -39.93
N LYS B 6 -15.65 -12.13 -38.73
CA LYS B 6 -16.13 -12.83 -37.54
C LYS B 6 -17.15 -12.02 -36.73
N LYS B 7 -17.85 -12.71 -35.84
CA LYS B 7 -18.91 -12.09 -35.06
C LYS B 7 -18.77 -12.44 -33.58
N ALA B 8 -19.08 -11.47 -32.73
CA ALA B 8 -19.23 -11.73 -31.30
C ALA B 8 -20.40 -10.88 -30.86
N GLY B 9 -20.64 -10.79 -29.56
CA GLY B 9 -21.74 -9.96 -29.09
C GLY B 9 -21.93 -10.14 -27.61
N VAL B 10 -23.06 -9.67 -27.10
CA VAL B 10 -23.35 -9.79 -25.68
C VAL B 10 -24.79 -10.23 -25.44
N LEU B 11 -24.96 -11.22 -24.57
CA LEU B 11 -26.26 -11.81 -24.28
C LEU B 11 -26.71 -11.42 -22.88
N GLY B 12 -27.95 -10.95 -22.78
CA GLY B 12 -28.46 -10.51 -21.49
C GLY B 12 -29.86 -9.93 -21.59
N SER B 13 -30.53 -9.82 -20.46
CA SER B 13 -31.90 -9.31 -20.43
C SER B 13 -32.07 -8.52 -19.13
N PRO B 14 -32.19 -7.19 -19.23
CA PRO B 14 -32.27 -6.36 -20.45
C PRO B 14 -30.90 -6.27 -21.10
N ILE B 15 -30.82 -5.69 -22.29
CA ILE B 15 -29.51 -5.60 -22.95
C ILE B 15 -29.31 -4.32 -23.76
N ALA B 16 -30.40 -3.58 -24.00
CA ALA B 16 -30.37 -2.44 -24.90
C ALA B 16 -29.42 -1.31 -24.44
N HIS B 17 -29.04 -1.33 -23.17
CA HIS B 17 -28.11 -0.31 -22.66
C HIS B 17 -26.71 -0.86 -22.39
N SER B 18 -26.45 -2.10 -22.80
CA SER B 18 -25.13 -2.69 -22.64
C SER B 18 -24.07 -1.80 -23.28
N ARG B 19 -22.98 -1.57 -22.56
CA ARG B 19 -21.89 -0.74 -23.07
C ARG B 19 -20.70 -1.57 -23.54
N SER B 20 -20.86 -2.89 -23.52
CA SER B 20 -19.85 -3.78 -24.06
C SER B 20 -19.57 -3.60 -25.55
N PRO B 21 -20.64 -3.49 -26.39
CA PRO B 21 -20.38 -3.33 -27.82
C PRO B 21 -19.39 -2.22 -28.15
N GLN B 22 -19.50 -1.07 -27.49
CA GLN B 22 -18.59 0.03 -27.77
C GLN B 22 -17.13 -0.29 -27.42
N LEU B 23 -16.91 -1.01 -26.31
CA LEU B 23 -15.56 -1.43 -25.92
C LEU B 23 -14.94 -2.44 -26.89
N HIS B 24 -15.69 -3.51 -27.19
CA HIS B 24 -15.21 -4.54 -28.13
C HIS B 24 -15.02 -3.99 -29.55
N LEU B 25 -15.99 -3.23 -30.03
CA LEU B 25 -15.90 -2.72 -31.41
C LEU B 25 -14.71 -1.80 -31.55
N ALA B 26 -14.38 -1.07 -30.49
CA ALA B 26 -13.22 -0.20 -30.52
C ALA B 26 -11.95 -1.03 -30.55
N ALA B 27 -11.97 -2.15 -29.83
CA ALA B 27 -10.82 -3.06 -29.81
C ALA B 27 -10.58 -3.65 -31.19
N TYR B 28 -11.65 -4.12 -31.84
CA TYR B 28 -11.52 -4.80 -33.13
C TYR B 28 -11.04 -3.82 -34.19
N ARG B 29 -11.45 -2.57 -34.06
CA ARG B 29 -11.05 -1.52 -35.00
C ARG B 29 -9.55 -1.24 -34.83
N ALA B 30 -9.14 -1.10 -33.58
CA ALA B 30 -7.72 -0.91 -33.28
C ALA B 30 -6.86 -2.07 -33.78
N LEU B 31 -7.41 -3.28 -33.72
CA LEU B 31 -6.67 -4.48 -34.10
C LEU B 31 -6.74 -4.74 -35.61
N GLY B 32 -7.42 -3.85 -36.35
CA GLY B 32 -7.53 -4.00 -37.80
C GLY B 32 -8.52 -5.05 -38.24
N LEU B 33 -9.41 -5.47 -37.33
CA LEU B 33 -10.44 -6.44 -37.64
C LEU B 33 -11.69 -5.73 -38.16
N HIS B 34 -11.51 -4.91 -39.20
CA HIS B 34 -12.48 -3.90 -39.65
C HIS B 34 -13.97 -4.30 -39.74
N ASP B 35 -14.25 -5.48 -40.27
CA ASP B 35 -15.62 -5.90 -40.52
C ASP B 35 -16.13 -6.91 -39.49
N TRP B 36 -15.39 -7.09 -38.40
CA TRP B 36 -15.89 -7.88 -37.27
C TRP B 36 -17.08 -7.14 -36.65
N THR B 37 -18.06 -7.91 -36.17
CA THR B 37 -19.27 -7.32 -35.62
C THR B 37 -19.47 -7.76 -34.17
N TYR B 38 -20.19 -6.95 -33.39
CA TYR B 38 -20.46 -7.27 -31.99
C TYR B 38 -21.86 -6.76 -31.65
N GLU B 39 -22.84 -7.66 -31.66
CA GLU B 39 -24.25 -7.29 -31.53
C GLU B 39 -24.77 -7.39 -30.10
N ARG B 40 -25.83 -6.63 -29.80
CA ARG B 40 -26.56 -6.75 -28.54
C ARG B 40 -27.65 -7.77 -28.77
N ILE B 41 -27.80 -8.70 -27.83
CA ILE B 41 -28.77 -9.78 -28.01
C ILE B 41 -29.58 -10.00 -26.74
N GLU B 42 -30.84 -9.57 -26.75
CA GLU B 42 -31.68 -9.78 -25.59
C GLU B 42 -31.93 -11.27 -25.45
N CYS B 43 -31.64 -11.80 -24.25
CA CYS B 43 -31.62 -13.23 -24.03
C CYS B 43 -31.59 -13.52 -22.54
N GLY B 44 -32.50 -14.38 -22.08
CA GLY B 44 -32.50 -14.80 -20.68
C GLY B 44 -31.82 -16.15 -20.51
N ALA B 45 -31.82 -16.68 -19.30
CA ALA B 45 -31.15 -17.95 -19.00
C ALA B 45 -31.73 -19.13 -19.79
N ALA B 46 -33.04 -19.17 -19.89
CA ALA B 46 -33.70 -20.26 -20.59
C ALA B 46 -33.42 -20.25 -22.10
N GLU B 47 -33.40 -19.05 -22.69
CA GLU B 47 -33.26 -18.92 -24.14
C GLU B 47 -31.81 -19.01 -24.63
N LEU B 48 -30.85 -19.15 -23.70
CA LEU B 48 -29.42 -19.09 -24.05
C LEU B 48 -28.97 -20.18 -25.03
N PRO B 49 -29.31 -21.46 -24.75
CA PRO B 49 -28.96 -22.48 -25.75
C PRO B 49 -29.56 -22.22 -27.14
N VAL B 50 -30.78 -21.67 -27.19
CA VAL B 50 -31.45 -21.41 -28.47
C VAL B 50 -30.86 -20.19 -29.18
N VAL B 51 -30.51 -19.14 -28.43
CA VAL B 51 -29.84 -17.99 -29.04
C VAL B 51 -28.45 -18.40 -29.55
N VAL B 52 -27.70 -19.10 -28.70
CA VAL B 52 -26.32 -19.50 -29.02
C VAL B 52 -26.29 -20.60 -30.09
N GLY B 53 -27.35 -21.40 -30.16
CA GLY B 53 -27.47 -22.41 -31.20
C GLY B 53 -27.59 -21.78 -32.58
N GLY B 54 -28.38 -20.72 -32.68
CA GLY B 54 -28.63 -20.05 -33.95
C GLY B 54 -27.41 -19.35 -34.52
N PHE B 55 -26.31 -19.35 -33.77
CA PHE B 55 -25.07 -18.70 -34.20
C PHE B 55 -24.38 -19.45 -35.33
N GLY B 56 -24.07 -18.72 -36.41
CA GLY B 56 -23.25 -19.27 -37.46
C GLY B 56 -21.83 -19.51 -36.97
N PRO B 57 -21.04 -20.26 -37.76
CA PRO B 57 -19.62 -20.56 -37.52
C PRO B 57 -18.72 -19.32 -37.44
N GLU B 58 -19.20 -18.18 -37.92
CA GLU B 58 -18.41 -16.94 -37.87
C GLU B 58 -18.35 -16.36 -36.46
N TRP B 59 -19.15 -16.91 -35.56
CA TRP B 59 -19.16 -16.46 -34.17
C TRP B 59 -17.99 -17.04 -33.37
N VAL B 60 -17.07 -16.17 -32.96
CA VAL B 60 -15.91 -16.60 -32.20
C VAL B 60 -16.21 -16.70 -30.69
N GLY B 61 -17.24 -15.99 -30.23
CA GLY B 61 -17.58 -16.03 -28.82
C GLY B 61 -18.61 -14.98 -28.45
N VAL B 62 -19.14 -15.07 -27.23
CA VAL B 62 -20.04 -14.04 -26.72
C VAL B 62 -19.74 -13.69 -25.28
N SER B 63 -20.04 -12.45 -24.93
CA SER B 63 -20.05 -12.02 -23.56
C SER B 63 -21.46 -12.32 -23.07
N VAL B 64 -21.55 -12.75 -21.82
CA VAL B 64 -22.84 -13.08 -21.24
C VAL B 64 -22.99 -12.24 -20.00
N THR B 65 -24.06 -11.45 -19.94
CA THR B 65 -24.34 -10.69 -18.73
C THR B 65 -25.64 -11.21 -18.11
N MET B 66 -26.12 -10.57 -17.05
CA MET B 66 -27.34 -11.00 -16.36
C MET B 66 -28.50 -11.18 -17.32
N PRO B 67 -29.35 -12.20 -17.09
CA PRO B 67 -29.30 -13.18 -16.01
C PRO B 67 -28.77 -14.52 -16.51
N GLY B 68 -27.85 -14.48 -17.48
CA GLY B 68 -27.44 -15.71 -18.14
C GLY B 68 -26.15 -16.39 -17.69
N LYS B 69 -25.50 -15.89 -16.64
CA LYS B 69 -24.15 -16.38 -16.33
C LYS B 69 -24.10 -17.81 -15.79
N PHE B 70 -25.14 -18.24 -15.10
CA PHE B 70 -25.15 -19.60 -14.59
C PHE B 70 -25.51 -20.53 -15.75
N ALA B 71 -26.46 -20.09 -16.56
CA ALA B 71 -26.86 -20.83 -17.74
C ALA B 71 -25.71 -20.96 -18.73
N ALA B 72 -24.86 -19.94 -18.77
CA ALA B 72 -23.70 -19.94 -19.66
C ALA B 72 -22.73 -21.03 -19.22
N LEU B 73 -22.48 -21.12 -17.91
CA LEU B 73 -21.61 -22.16 -17.38
C LEU B 73 -22.15 -23.55 -17.73
N ARG B 74 -23.44 -23.77 -17.49
CA ARG B 74 -24.07 -25.05 -17.75
C ARG B 74 -24.05 -25.43 -19.23
N PHE B 75 -24.24 -24.44 -20.10
CA PHE B 75 -24.30 -24.68 -21.55
C PHE B 75 -22.98 -25.11 -22.16
N ALA B 76 -21.87 -24.54 -21.69
CA ALA B 76 -20.57 -24.90 -22.22
C ALA B 76 -20.26 -26.37 -21.98
N ASP B 77 -19.44 -26.95 -22.85
CA ASP B 77 -19.01 -28.33 -22.66
C ASP B 77 -17.67 -28.38 -21.92
N GLU B 78 -16.98 -27.25 -21.85
CA GLU B 78 -15.77 -27.15 -21.03
C GLU B 78 -15.73 -25.80 -20.33
N ARG B 79 -15.18 -25.78 -19.12
CA ARG B 79 -15.11 -24.55 -18.35
C ARG B 79 -13.70 -24.40 -17.77
N THR B 80 -13.20 -23.17 -17.71
CA THR B 80 -11.93 -22.92 -17.05
C THR B 80 -12.07 -23.25 -15.57
N ALA B 81 -10.96 -23.55 -14.92
CA ALA B 81 -10.98 -23.81 -13.49
C ALA B 81 -11.58 -22.64 -12.71
N ARG B 82 -11.28 -21.41 -13.12
CA ARG B 82 -11.79 -20.26 -12.38
C ARG B 82 -13.28 -20.00 -12.56
N ALA B 83 -13.80 -20.34 -13.73
CA ALA B 83 -15.25 -20.32 -13.93
C ALA B 83 -15.92 -21.31 -12.98
N ASP B 84 -15.37 -22.53 -12.89
CA ASP B 84 -15.93 -23.53 -12.00
C ASP B 84 -15.80 -23.09 -10.55
N LEU B 85 -14.70 -22.40 -10.25
CA LEU B 85 -14.44 -21.92 -8.91
C LEU B 85 -15.55 -20.97 -8.43
N VAL B 86 -15.93 -20.02 -9.28
CA VAL B 86 -16.93 -19.03 -8.91
C VAL B 86 -18.38 -19.45 -9.20
N GLY B 87 -18.54 -20.49 -10.01
CA GLY B 87 -19.85 -21.06 -10.26
C GLY B 87 -20.69 -20.43 -11.37
N SER B 88 -20.09 -19.54 -12.17
CA SER B 88 -20.83 -18.90 -13.25
C SER B 88 -19.84 -18.42 -14.30
N ALA B 89 -20.34 -18.03 -15.47
CA ALA B 89 -19.47 -17.66 -16.57
C ALA B 89 -20.00 -16.45 -17.30
N ASN B 90 -19.13 -15.49 -17.62
CA ASN B 90 -19.55 -14.31 -18.36
C ASN B 90 -19.00 -14.33 -19.79
N THR B 91 -18.35 -15.43 -20.15
CA THR B 91 -17.65 -15.52 -21.41
C THR B 91 -17.90 -16.89 -22.01
N LEU B 92 -18.32 -16.94 -23.28
CA LEU B 92 -18.33 -18.21 -24.02
C LEU B 92 -17.42 -18.07 -25.23
N VAL B 93 -16.48 -19.01 -25.37
CA VAL B 93 -15.54 -18.98 -26.51
C VAL B 93 -15.71 -20.24 -27.34
N ARG B 94 -15.81 -20.07 -28.66
CA ARG B 94 -15.98 -21.23 -29.53
C ARG B 94 -14.68 -22.02 -29.64
N THR B 95 -14.76 -23.31 -29.37
CA THR B 95 -13.66 -24.24 -29.56
C THR B 95 -14.05 -25.02 -30.83
N PRO B 96 -13.13 -25.82 -31.40
CA PRO B 96 -13.53 -26.43 -32.67
C PRO B 96 -14.72 -27.36 -32.51
N HIS B 97 -14.80 -27.98 -31.34
CA HIS B 97 -15.76 -29.02 -31.04
C HIS B 97 -16.94 -28.55 -30.18
N GLY B 98 -16.82 -27.37 -29.57
CA GLY B 98 -17.89 -26.84 -28.72
C GLY B 98 -17.75 -25.39 -28.27
N TRP B 99 -18.03 -25.15 -26.99
CA TRP B 99 -17.91 -23.81 -26.41
C TRP B 99 -17.22 -23.91 -25.05
N ARG B 100 -16.28 -23.01 -24.79
CA ARG B 100 -15.59 -22.98 -23.51
C ARG B 100 -16.02 -21.78 -22.66
N ALA B 101 -16.41 -22.05 -21.42
CA ALA B 101 -16.84 -20.98 -20.50
C ALA B 101 -15.69 -20.47 -19.64
N ASP B 102 -15.67 -19.15 -19.43
CA ASP B 102 -14.73 -18.54 -18.51
C ASP B 102 -15.45 -17.42 -17.75
N ASN B 103 -14.84 -16.98 -16.65
CA ASN B 103 -15.40 -15.83 -15.94
C ASN B 103 -14.35 -14.74 -15.81
N THR B 104 -14.49 -13.69 -16.61
CA THR B 104 -13.52 -12.60 -16.57
C THR B 104 -13.89 -11.49 -15.60
N ASP B 105 -14.99 -11.66 -14.85
CA ASP B 105 -15.34 -10.67 -13.84
C ASP B 105 -14.26 -10.66 -12.75
N ILE B 106 -13.59 -11.78 -12.59
CA ILE B 106 -12.41 -11.87 -11.71
C ILE B 106 -11.35 -10.83 -12.12
N ASP B 107 -11.08 -10.71 -13.42
CA ASP B 107 -10.13 -9.74 -13.95
C ASP B 107 -10.69 -8.34 -13.77
N GLY B 108 -12.00 -8.23 -13.98
CA GLY B 108 -12.67 -6.96 -13.80
C GLY B 108 -12.40 -6.39 -12.42
N VAL B 109 -12.55 -7.23 -11.39
CA VAL B 109 -12.33 -6.76 -10.03
C VAL B 109 -10.86 -6.49 -9.73
N ALA B 110 -9.99 -7.46 -10.02
CA ALA B 110 -8.56 -7.28 -9.74
C ALA B 110 -7.96 -6.14 -10.57
N GLY B 111 -8.37 -6.05 -11.83
CA GLY B 111 -7.92 -4.99 -12.71
C GLY B 111 -8.40 -3.61 -12.28
N ALA B 112 -9.68 -3.48 -11.92
CA ALA B 112 -10.21 -2.20 -11.52
C ALA B 112 -9.53 -1.65 -10.27
N LEU B 113 -9.21 -2.53 -9.34
CA LEU B 113 -8.57 -2.07 -8.11
C LEU B 113 -7.08 -1.79 -8.35
N GLY B 114 -6.46 -2.60 -9.20
CA GLY B 114 -5.05 -2.42 -9.56
C GLY B 114 -4.12 -2.98 -8.50
N ALA B 115 -4.38 -2.59 -7.26
CA ALA B 115 -3.58 -3.03 -6.12
C ALA B 115 -4.44 -2.96 -4.87
N ALA B 116 -4.20 -3.88 -3.96
CA ALA B 116 -4.88 -3.90 -2.68
C ALA B 116 -4.16 -4.90 -1.78
N ALA B 117 -4.21 -4.66 -0.48
CA ALA B 117 -3.65 -5.61 0.47
C ALA B 117 -4.40 -5.53 1.78
N GLY B 118 -4.22 -6.56 2.61
CA GLY B 118 -4.78 -6.54 3.94
C GLY B 118 -6.21 -7.00 3.98
N HIS B 119 -7.09 -6.13 4.47
CA HIS B 119 -8.44 -6.54 4.85
C HIS B 119 -9.51 -5.95 3.93
N ALA B 120 -10.30 -6.83 3.33
CA ALA B 120 -11.32 -6.40 2.40
C ALA B 120 -12.72 -6.76 2.90
N LEU B 121 -13.69 -6.01 2.38
CA LEU B 121 -15.08 -6.17 2.74
C LEU B 121 -15.83 -6.33 1.41
N VAL B 122 -16.68 -7.35 1.29
CA VAL B 122 -17.47 -7.54 0.09
C VAL B 122 -18.94 -7.49 0.47
N LEU B 123 -19.71 -6.63 -0.19
CA LEU B 123 -21.13 -6.49 0.07
C LEU B 123 -21.93 -7.32 -0.93
N GLY B 124 -22.78 -8.21 -0.41
CA GLY B 124 -23.59 -9.08 -1.24
C GLY B 124 -23.00 -10.46 -1.40
N SER B 125 -23.83 -11.42 -1.80
CA SER B 125 -23.38 -12.80 -1.93
C SER B 125 -23.56 -13.33 -3.35
N GLY B 126 -24.30 -12.60 -4.18
CA GLY B 126 -24.56 -13.05 -5.54
C GLY B 126 -23.88 -12.16 -6.57
N GLY B 127 -24.32 -12.24 -7.81
CA GLY B 127 -23.72 -11.43 -8.87
C GLY B 127 -22.22 -11.62 -8.99
N THR B 128 -21.48 -10.51 -8.89
CA THR B 128 -20.04 -10.57 -9.07
C THR B 128 -19.30 -10.80 -7.76
N ALA B 129 -20.03 -11.08 -6.68
CA ALA B 129 -19.37 -11.25 -5.39
C ALA B 129 -18.36 -12.41 -5.35
N PRO B 130 -18.71 -13.59 -5.93
CA PRO B 130 -17.68 -14.63 -5.95
C PRO B 130 -16.46 -14.23 -6.77
N ALA B 131 -16.65 -13.58 -7.92
CA ALA B 131 -15.52 -13.10 -8.71
C ALA B 131 -14.70 -12.09 -7.92
N ALA B 132 -15.39 -11.28 -7.14
CA ALA B 132 -14.74 -10.28 -6.30
C ALA B 132 -13.83 -10.95 -5.27
N VAL B 133 -14.31 -12.03 -4.67
CA VAL B 133 -13.49 -12.73 -3.68
C VAL B 133 -12.21 -13.25 -4.31
N VAL B 134 -12.32 -13.83 -5.50
CA VAL B 134 -11.14 -14.35 -6.19
C VAL B 134 -10.24 -13.20 -6.65
N GLY B 135 -10.83 -12.14 -7.19
CA GLY B 135 -10.07 -10.97 -7.60
C GLY B 135 -9.26 -10.38 -6.46
N LEU B 136 -9.89 -10.21 -5.31
CA LEU B 136 -9.18 -9.69 -4.14
C LEU B 136 -8.04 -10.61 -3.74
N ALA B 137 -8.27 -11.91 -3.78
CA ALA B 137 -7.23 -12.89 -3.48
C ALA B 137 -6.06 -12.74 -4.44
N GLU B 138 -6.36 -12.50 -5.71
CA GLU B 138 -5.29 -12.29 -6.69
C GLU B 138 -4.43 -11.10 -6.32
N LEU B 139 -5.04 -10.05 -5.77
CA LEU B 139 -4.31 -8.84 -5.36
C LEU B 139 -3.50 -9.05 -4.07
N GLY B 140 -3.73 -10.17 -3.39
CA GLY B 140 -2.93 -10.46 -2.22
C GLY B 140 -3.66 -10.25 -0.91
N VAL B 141 -4.95 -9.90 -1.00
CA VAL B 141 -5.81 -9.78 0.18
C VAL B 141 -5.86 -11.11 0.95
N THR B 142 -5.67 -11.03 2.26
CA THR B 142 -5.57 -12.21 3.11
C THR B 142 -6.80 -12.44 3.97
N ASP B 143 -7.65 -11.41 4.05
CA ASP B 143 -8.77 -11.41 4.96
C ASP B 143 -9.94 -10.75 4.25
N ILE B 144 -11.07 -11.45 4.18
CA ILE B 144 -12.29 -10.91 3.61
C ILE B 144 -13.47 -11.16 4.53
N THR B 145 -14.26 -10.12 4.78
CA THR B 145 -15.55 -10.29 5.42
C THR B 145 -16.63 -10.12 4.35
N VAL B 146 -17.48 -11.12 4.20
CA VAL B 146 -18.62 -11.01 3.29
C VAL B 146 -19.80 -10.53 4.11
N VAL B 147 -20.35 -9.38 3.74
CA VAL B 147 -21.56 -8.87 4.38
C VAL B 147 -22.72 -9.07 3.41
N ALA B 148 -23.67 -9.92 3.80
CA ALA B 148 -24.78 -10.23 2.89
C ALA B 148 -26.08 -10.54 3.62
N ARG B 149 -27.18 -10.57 2.87
CA ARG B 149 -28.49 -10.90 3.42
C ARG B 149 -28.76 -12.41 3.37
N ASN B 150 -28.16 -13.09 2.39
CA ASN B 150 -28.38 -14.53 2.18
C ASN B 150 -27.32 -15.41 2.86
N SER B 151 -27.64 -15.91 4.05
CA SER B 151 -26.69 -16.69 4.84
C SER B 151 -26.25 -18.01 4.19
N ASP B 152 -27.12 -18.65 3.42
CA ASP B 152 -26.77 -19.88 2.72
C ASP B 152 -25.77 -19.58 1.58
N LYS B 153 -26.11 -18.61 0.74
CA LYS B 153 -25.25 -18.24 -0.37
C LYS B 153 -23.92 -17.68 0.13
N ALA B 154 -23.98 -16.98 1.25
CA ALA B 154 -22.78 -16.38 1.83
C ALA B 154 -21.85 -17.45 2.40
N ALA B 155 -22.42 -18.53 2.94
CA ALA B 155 -21.63 -19.63 3.47
C ALA B 155 -20.78 -20.29 2.39
N ARG B 156 -21.30 -20.33 1.17
CA ARG B 156 -20.56 -20.92 0.06
C ARG B 156 -19.42 -19.99 -0.32
N LEU B 157 -19.68 -18.68 -0.30
CA LEU B 157 -18.65 -17.66 -0.53
C LEU B 157 -17.46 -17.83 0.42
N VAL B 158 -17.76 -18.12 1.67
CA VAL B 158 -16.72 -18.27 2.68
C VAL B 158 -15.81 -19.45 2.37
N ASP B 159 -16.37 -20.51 1.79
CA ASP B 159 -15.56 -21.66 1.42
C ASP B 159 -14.76 -21.41 0.13
N LEU B 160 -15.32 -20.60 -0.76
CA LEU B 160 -14.56 -20.16 -1.94
C LEU B 160 -13.31 -19.38 -1.50
N GLY B 161 -13.49 -18.43 -0.58
CA GLY B 161 -12.38 -17.64 -0.07
C GLY B 161 -11.26 -18.52 0.44
N THR B 162 -11.65 -19.55 1.19
CA THR B 162 -10.69 -20.48 1.73
C THR B 162 -9.89 -21.16 0.60
N ARG B 163 -10.59 -21.63 -0.43
CA ARG B 163 -9.92 -22.28 -1.56
C ARG B 163 -8.85 -21.43 -2.26
N VAL B 164 -9.03 -20.12 -2.30
CA VAL B 164 -8.05 -19.24 -2.94
C VAL B 164 -7.08 -18.60 -1.94
N GLY B 165 -7.05 -19.14 -0.72
CA GLY B 165 -6.07 -18.73 0.26
C GLY B 165 -6.40 -17.50 1.08
N VAL B 166 -7.68 -17.17 1.22
CA VAL B 166 -8.10 -16.05 2.04
C VAL B 166 -8.88 -16.47 3.28
N ALA B 167 -8.51 -15.93 4.44
CA ALA B 167 -9.36 -16.10 5.61
C ALA B 167 -10.63 -15.30 5.38
N THR B 168 -11.75 -16.00 5.29
CA THR B 168 -13.01 -15.35 4.91
C THR B 168 -14.06 -15.65 5.95
N ARG B 169 -14.87 -14.67 6.30
CA ARG B 169 -15.95 -14.89 7.25
C ARG B 169 -17.21 -14.19 6.76
N PHE B 170 -18.36 -14.63 7.25
CA PHE B 170 -19.63 -14.00 6.89
C PHE B 170 -20.17 -13.19 8.06
N CYS B 171 -20.74 -12.03 7.74
CA CYS B 171 -21.35 -11.18 8.74
C CYS B 171 -22.67 -10.66 8.17
N ALA B 172 -23.80 -11.13 8.70
CA ALA B 172 -25.11 -10.69 8.23
C ALA B 172 -25.26 -9.17 8.39
N PHE B 173 -25.98 -8.54 7.47
CA PHE B 173 -26.09 -7.08 7.41
C PHE B 173 -26.51 -6.39 8.72
N ASP B 174 -27.61 -6.84 9.28
CA ASP B 174 -28.20 -6.19 10.45
C ASP B 174 -27.90 -6.99 11.72
N SER B 175 -26.77 -7.70 11.72
CA SER B 175 -26.40 -8.57 12.83
C SER B 175 -25.61 -7.87 13.93
N GLY B 176 -25.03 -6.72 13.62
CA GLY B 176 -24.26 -5.97 14.60
C GLY B 176 -22.75 -6.09 14.38
N GLY B 177 -22.36 -6.59 13.22
CA GLY B 177 -20.94 -6.76 12.95
C GLY B 177 -20.36 -5.78 11.95
N LEU B 178 -21.22 -5.04 11.26
CA LEU B 178 -20.82 -4.25 10.11
C LEU B 178 -19.75 -3.18 10.40
N ALA B 179 -19.90 -2.43 11.48
CA ALA B 179 -18.97 -1.33 11.76
C ALA B 179 -17.60 -1.85 12.19
N ASP B 180 -17.58 -3.00 12.86
CA ASP B 180 -16.30 -3.60 13.23
C ASP B 180 -15.64 -4.19 11.99
N ALA B 181 -16.45 -4.61 11.03
CA ALA B 181 -15.93 -5.05 9.74
C ALA B 181 -15.37 -3.86 8.95
N VAL B 182 -16.07 -2.72 9.02
CA VAL B 182 -15.60 -1.53 8.34
C VAL B 182 -14.28 -1.06 8.95
N ALA B 183 -14.21 -1.08 10.27
CA ALA B 183 -13.03 -0.61 11.00
C ALA B 183 -11.74 -1.31 10.58
N ALA B 184 -11.83 -2.60 10.31
CA ALA B 184 -10.65 -3.39 10.00
C ALA B 184 -10.28 -3.30 8.51
N ALA B 185 -11.20 -2.77 7.72
CA ALA B 185 -11.14 -2.95 6.27
C ALA B 185 -10.43 -1.82 5.54
N GLU B 186 -9.58 -2.20 4.58
CA GLU B 186 -8.90 -1.24 3.72
C GLU B 186 -9.63 -1.06 2.39
N VAL B 187 -10.29 -2.11 1.92
CA VAL B 187 -10.98 -2.06 0.63
C VAL B 187 -12.41 -2.59 0.77
N LEU B 188 -13.36 -1.92 0.10
CA LEU B 188 -14.75 -2.35 0.05
C LEU B 188 -15.11 -2.56 -1.41
N VAL B 189 -15.66 -3.73 -1.72
CA VAL B 189 -16.20 -3.97 -3.05
C VAL B 189 -17.68 -4.22 -2.85
N SER B 190 -18.51 -3.36 -3.43
CA SER B 190 -19.96 -3.49 -3.25
C SER B 190 -20.62 -4.05 -4.50
N THR B 191 -21.34 -5.16 -4.36
CA THR B 191 -21.96 -5.80 -5.51
C THR B 191 -23.48 -5.68 -5.46
N ILE B 192 -23.99 -4.99 -4.44
CA ILE B 192 -25.43 -4.88 -4.23
C ILE B 192 -26.02 -3.64 -4.94
N PRO B 193 -27.36 -3.57 -5.06
CA PRO B 193 -27.95 -2.40 -5.72
C PRO B 193 -27.64 -1.12 -4.95
N ALA B 194 -27.41 -0.03 -5.68
CA ALA B 194 -27.15 1.28 -5.07
C ALA B 194 -28.27 1.71 -4.12
N GLU B 195 -29.50 1.32 -4.47
CA GLU B 195 -30.66 1.64 -3.66
C GLU B 195 -30.61 0.95 -2.31
N VAL B 196 -29.91 -0.18 -2.25
CA VAL B 196 -29.84 -0.94 -1.02
C VAL B 196 -28.65 -0.47 -0.20
N ALA B 197 -27.54 -0.22 -0.87
CA ALA B 197 -26.33 0.25 -0.20
C ALA B 197 -26.52 1.65 0.39
N ALA B 198 -27.38 2.45 -0.23
CA ALA B 198 -27.56 3.85 0.17
C ALA B 198 -27.76 4.02 1.69
N GLY B 199 -28.58 3.17 2.29
CA GLY B 199 -28.88 3.26 3.71
C GLY B 199 -27.69 2.94 4.60
N TYR B 200 -26.70 2.26 4.03
CA TYR B 200 -25.47 1.93 4.77
C TYR B 200 -24.31 2.88 4.47
N ALA B 201 -24.54 3.89 3.62
CA ALA B 201 -23.42 4.71 3.15
C ALA B 201 -22.72 5.44 4.29
N GLY B 202 -23.49 5.88 5.28
CA GLY B 202 -22.92 6.54 6.43
C GLY B 202 -21.96 5.65 7.21
N THR B 203 -22.35 4.40 7.38
CA THR B 203 -21.50 3.46 8.11
C THR B 203 -20.24 3.11 7.31
N LEU B 204 -20.41 3.00 6.00
CA LEU B 204 -19.32 2.53 5.14
C LEU B 204 -18.40 3.65 4.68
N ALA B 205 -18.81 4.89 4.92
CA ALA B 205 -18.15 6.06 4.32
C ALA B 205 -16.65 6.16 4.59
N ALA B 206 -16.20 5.60 5.71
CA ALA B 206 -14.80 5.75 6.13
C ALA B 206 -13.81 4.75 5.51
N ILE B 207 -14.31 3.84 4.68
CA ILE B 207 -13.43 2.89 3.99
C ILE B 207 -12.47 3.63 3.06
N PRO B 208 -11.16 3.31 3.12
CA PRO B 208 -10.14 4.01 2.34
C PRO B 208 -10.32 3.89 0.83
N VAL B 209 -10.86 2.75 0.38
CA VAL B 209 -10.99 2.46 -1.05
C VAL B 209 -12.33 1.79 -1.35
N LEU B 210 -13.05 2.29 -2.35
CA LEU B 210 -14.33 1.70 -2.77
C LEU B 210 -14.32 1.33 -4.24
N LEU B 211 -14.68 0.07 -4.49
CA LEU B 211 -15.06 -0.38 -5.83
C LEU B 211 -16.56 -0.65 -5.80
N ASP B 212 -17.32 0.21 -6.47
CA ASP B 212 -18.76 0.01 -6.59
C ASP B 212 -19.02 -0.65 -7.94
N ALA B 213 -19.60 -1.85 -7.95
CA ALA B 213 -19.87 -2.53 -9.23
C ALA B 213 -20.94 -1.79 -10.02
N ILE B 214 -21.71 -0.95 -9.33
CA ILE B 214 -22.74 -0.15 -9.97
C ILE B 214 -22.07 0.98 -10.75
N TYR B 215 -22.55 1.28 -11.96
CA TYR B 215 -22.01 2.43 -12.68
C TYR B 215 -23.03 3.32 -13.37
N ASP B 216 -24.28 2.86 -13.42
CA ASP B 216 -25.32 3.64 -14.09
C ASP B 216 -26.65 3.49 -13.35
N PRO B 217 -27.19 4.59 -12.81
CA PRO B 217 -26.61 5.94 -12.87
C PRO B 217 -25.45 6.13 -11.88
N TRP B 218 -24.76 7.25 -12.02
CA TRP B 218 -23.55 7.55 -11.26
C TRP B 218 -23.54 9.04 -10.94
N PRO B 219 -23.09 9.42 -9.73
CA PRO B 219 -22.54 8.57 -8.67
C PRO B 219 -23.62 7.84 -7.89
N THR B 220 -23.28 6.74 -7.23
CA THR B 220 -24.19 6.11 -6.27
C THR B 220 -24.13 6.92 -4.97
N PRO B 221 -25.17 6.80 -4.12
CA PRO B 221 -25.07 7.44 -2.81
C PRO B 221 -23.84 6.97 -2.05
N LEU B 222 -23.52 5.68 -2.17
CA LEU B 222 -22.32 5.10 -1.54
C LEU B 222 -21.02 5.80 -2.01
N ALA B 223 -20.84 5.90 -3.32
CA ALA B 223 -19.68 6.59 -3.90
C ALA B 223 -19.60 8.07 -3.48
N ALA B 224 -20.76 8.71 -3.31
CA ALA B 224 -20.75 10.10 -2.86
C ALA B 224 -20.29 10.20 -1.41
N ALA B 225 -20.74 9.27 -0.57
CA ALA B 225 -20.36 9.27 0.84
C ALA B 225 -18.87 9.00 1.01
N VAL B 226 -18.37 7.99 0.31
CA VAL B 226 -16.93 7.68 0.33
C VAL B 226 -16.09 8.82 -0.20
N GLY B 227 -16.49 9.39 -1.34
CA GLY B 227 -15.76 10.51 -1.92
C GLY B 227 -15.76 11.72 -1.00
N SER B 228 -16.88 11.95 -0.32
CA SER B 228 -16.97 13.04 0.65
C SER B 228 -15.94 12.87 1.77
N ALA B 229 -15.65 11.62 2.11
CA ALA B 229 -14.75 11.28 3.21
C ALA B 229 -13.30 11.24 2.77
N GLY B 230 -13.06 11.38 1.47
CA GLY B 230 -11.70 11.37 0.94
C GLY B 230 -11.22 10.01 0.50
N GLY B 231 -12.13 9.03 0.49
CA GLY B 231 -11.76 7.70 0.05
C GLY B 231 -11.52 7.66 -1.45
N ARG B 232 -10.72 6.69 -1.89
CA ARG B 232 -10.55 6.44 -3.32
C ARG B 232 -11.81 5.76 -3.89
N VAL B 233 -12.39 6.35 -4.93
CA VAL B 233 -13.65 5.84 -5.48
C VAL B 233 -13.48 5.31 -6.90
N ILE B 234 -13.89 4.06 -7.12
CA ILE B 234 -13.80 3.43 -8.44
C ILE B 234 -15.20 2.97 -8.89
N SER B 235 -15.66 3.41 -10.05
CA SER B 235 -16.98 3.02 -10.54
C SER B 235 -16.95 1.67 -11.24
N GLY B 236 -18.11 1.03 -11.37
CA GLY B 236 -18.23 -0.25 -12.05
C GLY B 236 -17.81 -0.24 -13.51
N LEU B 237 -17.59 0.94 -14.09
CA LEU B 237 -17.08 1.04 -15.45
C LEU B 237 -15.66 0.50 -15.55
N GLN B 238 -14.90 0.61 -14.46
CA GLN B 238 -13.53 0.11 -14.49
C GLN B 238 -13.55 -1.41 -14.46
N MET B 239 -14.55 -1.98 -13.79
CA MET B 239 -14.71 -3.44 -13.82
C MET B 239 -15.08 -3.89 -15.23
N LEU B 240 -15.94 -3.11 -15.87
CA LEU B 240 -16.40 -3.42 -17.22
C LEU B 240 -15.22 -3.43 -18.18
N LEU B 241 -14.34 -2.45 -18.02
CA LEU B 241 -13.17 -2.32 -18.88
C LEU B 241 -12.25 -3.52 -18.70
N HIS B 242 -11.92 -3.79 -17.45
CA HIS B 242 -10.95 -4.83 -17.16
C HIS B 242 -11.44 -6.26 -17.41
N GLN B 243 -12.75 -6.50 -17.31
CA GLN B 243 -13.26 -7.83 -17.67
C GLN B 243 -13.27 -8.01 -19.19
N ALA B 244 -13.30 -6.89 -19.91
CA ALA B 244 -13.34 -6.93 -21.38
C ALA B 244 -12.01 -7.29 -22.02
N PHE B 245 -10.92 -6.92 -21.37
CA PHE B 245 -9.58 -7.22 -21.89
C PHE B 245 -9.39 -8.70 -22.21
N ALA B 246 -9.73 -9.56 -21.25
CA ALA B 246 -9.55 -10.98 -21.44
C ALA B 246 -10.49 -11.55 -22.50
N GLN B 247 -11.70 -11.00 -22.58
CA GLN B 247 -12.60 -11.44 -23.64
C GLN B 247 -12.08 -11.12 -25.03
N VAL B 248 -11.54 -9.91 -25.23
CA VAL B 248 -10.98 -9.55 -26.52
C VAL B 248 -9.83 -10.49 -26.89
N GLU B 249 -8.99 -10.81 -25.92
CA GLU B 249 -7.89 -11.75 -26.16
C GLU B 249 -8.38 -13.15 -26.51
N GLN B 250 -9.40 -13.63 -25.80
CA GLN B 250 -9.94 -14.94 -26.11
C GLN B 250 -10.74 -14.98 -27.41
N PHE B 251 -11.30 -13.84 -27.80
CA PHE B 251 -12.07 -13.81 -29.06
C PHE B 251 -11.17 -13.60 -30.28
N THR B 252 -10.08 -12.86 -30.11
CA THR B 252 -9.26 -12.44 -31.26
C THR B 252 -7.91 -13.14 -31.41
N GLY B 253 -7.36 -13.64 -30.31
CA GLY B 253 -6.03 -14.20 -30.35
C GLY B 253 -4.95 -13.14 -30.41
N LEU B 254 -5.34 -11.89 -30.14
CA LEU B 254 -4.41 -10.75 -30.14
C LEU B 254 -4.45 -10.10 -28.77
N PRO B 255 -3.40 -9.35 -28.41
CA PRO B 255 -3.38 -8.68 -27.10
C PRO B 255 -4.43 -7.57 -27.01
N ALA B 256 -5.09 -7.41 -25.86
CA ALA B 256 -6.07 -6.33 -25.71
C ALA B 256 -5.42 -4.97 -25.95
N PRO B 257 -6.02 -4.18 -26.86
CA PRO B 257 -5.51 -2.83 -27.13
C PRO B 257 -6.05 -1.87 -26.08
N ARG B 258 -5.38 -1.86 -24.93
CA ARG B 258 -5.91 -1.18 -23.74
C ARG B 258 -6.21 0.31 -23.93
N GLU B 259 -5.34 1.02 -24.65
CA GLU B 259 -5.54 2.46 -24.83
C GLU B 259 -6.78 2.75 -25.67
N ALA B 260 -6.94 2.04 -26.77
CA ALA B 260 -8.13 2.18 -27.60
C ALA B 260 -9.44 1.91 -26.82
N MET B 261 -9.44 0.84 -26.02
CA MET B 261 -10.62 0.50 -25.25
C MET B 261 -10.87 1.51 -24.13
N THR B 262 -9.80 2.01 -23.53
CA THR B 262 -9.90 3.02 -22.48
C THR B 262 -10.46 4.33 -23.02
N CYS B 263 -10.18 4.61 -24.30
CA CYS B 263 -10.76 5.78 -24.96
C CYS B 263 -12.26 5.61 -25.14
N ALA B 264 -12.67 4.43 -25.58
CA ALA B 264 -14.08 4.18 -25.87
C ALA B 264 -14.92 4.21 -24.61
N LEU B 265 -14.32 3.77 -23.50
CA LEU B 265 -15.03 3.72 -22.22
C LEU B 265 -15.49 5.11 -21.78
N PRO C 5 34.66 -28.98 26.71
CA PRO C 5 33.55 -28.21 27.27
C PRO C 5 33.72 -26.72 27.03
N LYS C 6 32.60 -26.02 26.96
CA LYS C 6 32.63 -24.60 26.65
C LYS C 6 31.89 -23.80 27.71
N LYS C 7 32.07 -22.49 27.69
CA LYS C 7 31.45 -21.62 28.69
C LYS C 7 30.62 -20.57 28.00
N ALA C 8 29.46 -20.27 28.57
CA ALA C 8 28.65 -19.15 28.11
C ALA C 8 28.07 -18.50 29.35
N GLY C 9 27.23 -17.49 29.14
CA GLY C 9 26.59 -16.86 30.28
C GLY C 9 25.76 -15.66 29.89
N VAL C 10 25.29 -14.92 30.87
CA VAL C 10 24.49 -13.73 30.63
C VAL C 10 25.06 -12.58 31.43
N LEU C 11 25.18 -11.42 30.78
CA LEU C 11 25.73 -10.21 31.41
C LEU C 11 24.63 -9.20 31.61
N GLY C 12 24.53 -8.64 32.81
CA GLY C 12 23.50 -7.64 33.06
C GLY C 12 23.55 -7.14 34.49
N SER C 13 22.75 -6.12 34.77
CA SER C 13 22.66 -5.59 36.12
C SER C 13 21.29 -4.95 36.32
N PRO C 14 20.48 -5.52 37.23
CA PRO C 14 20.79 -6.72 38.01
C PRO C 14 20.69 -7.97 37.16
N ILE C 15 21.16 -9.10 37.68
CA ILE C 15 21.29 -10.31 36.89
C ILE C 15 20.72 -11.52 37.64
N ALA C 16 20.47 -11.34 38.94
CA ALA C 16 19.96 -12.43 39.77
C ALA C 16 18.63 -13.01 39.28
N HIS C 17 17.80 -12.18 38.65
CA HIS C 17 16.48 -12.69 38.29
C HIS C 17 16.29 -13.06 36.80
N SER C 18 17.40 -13.01 36.06
CA SER C 18 17.43 -13.49 34.68
C SER C 18 17.01 -14.96 34.59
N ARG C 19 16.17 -15.29 33.61
CA ARG C 19 15.79 -16.68 33.36
C ARG C 19 16.59 -17.25 32.21
N SER C 20 17.58 -16.51 31.73
CA SER C 20 18.42 -16.99 30.62
C SER C 20 19.14 -18.31 30.94
N PRO C 21 19.64 -18.47 32.19
CA PRO C 21 20.28 -19.78 32.42
C PRO C 21 19.31 -20.95 32.35
N GLN C 22 18.09 -20.76 32.85
CA GLN C 22 17.10 -21.83 32.77
C GLN C 22 16.89 -22.33 31.34
N LEU C 23 16.88 -21.39 30.39
CA LEU C 23 16.67 -21.74 28.98
C LEU C 23 17.91 -22.33 28.31
N HIS C 24 19.06 -21.70 28.53
CA HIS C 24 20.30 -22.15 27.90
C HIS C 24 20.77 -23.50 28.43
N LEU C 25 20.64 -23.71 29.75
CA LEU C 25 21.08 -24.98 30.33
C LEU C 25 20.14 -26.12 29.97
N ALA C 26 18.84 -25.82 29.84
CA ALA C 26 17.90 -26.81 29.35
C ALA C 26 18.33 -27.23 27.95
N ALA C 27 18.73 -26.25 27.14
CA ALA C 27 19.18 -26.53 25.78
C ALA C 27 20.45 -27.39 25.75
N TYR C 28 21.47 -26.98 26.52
CA TYR C 28 22.75 -27.68 26.49
C TYR C 28 22.56 -29.11 26.96
N ARG C 29 21.70 -29.28 27.95
CA ARG C 29 21.38 -30.62 28.43
C ARG C 29 20.75 -31.45 27.32
N ALA C 30 19.76 -30.89 26.66
CA ALA C 30 19.04 -31.63 25.62
C ALA C 30 19.98 -31.98 24.47
N LEU C 31 20.96 -31.11 24.22
CA LEU C 31 21.92 -31.29 23.13
C LEU C 31 23.07 -32.20 23.47
N GLY C 32 23.12 -32.68 24.71
CA GLY C 32 24.21 -33.54 25.15
C GLY C 32 25.46 -32.79 25.61
N LEU C 33 25.33 -31.48 25.78
CA LEU C 33 26.44 -30.64 26.22
C LEU C 33 26.48 -30.48 27.74
N HIS C 34 26.48 -31.59 28.46
CA HIS C 34 26.34 -31.59 29.93
C HIS C 34 27.50 -30.93 30.68
N ASP C 35 28.68 -30.87 30.07
CA ASP C 35 29.82 -30.21 30.70
C ASP C 35 29.96 -28.71 30.36
N TRP C 36 29.03 -28.17 29.57
CA TRP C 36 29.04 -26.72 29.31
C TRP C 36 28.46 -26.00 30.52
N THR C 37 28.93 -24.78 30.77
CA THR C 37 28.38 -24.00 31.88
C THR C 37 27.71 -22.74 31.33
N TYR C 38 26.78 -22.18 32.10
CA TYR C 38 26.18 -20.90 31.74
C TYR C 38 26.06 -20.07 33.00
N GLU C 39 26.89 -19.03 33.11
CA GLU C 39 26.98 -18.24 34.33
C GLU C 39 26.27 -16.90 34.28
N ARG C 40 25.80 -16.45 35.43
CA ARG C 40 25.22 -15.13 35.57
C ARG C 40 26.36 -14.20 35.98
N ILE C 41 26.56 -13.14 35.19
CA ILE C 41 27.64 -12.19 35.45
C ILE C 41 27.06 -10.80 35.64
N GLU C 42 27.26 -10.25 36.84
CA GLU C 42 26.82 -8.90 37.15
C GLU C 42 27.69 -7.97 36.32
N CYS C 43 27.07 -7.17 35.47
CA CYS C 43 27.85 -6.35 34.55
C CYS C 43 26.97 -5.31 33.90
N GLY C 44 27.40 -4.05 33.99
CA GLY C 44 26.69 -2.95 33.36
C GLY C 44 27.40 -2.59 32.06
N ALA C 45 27.09 -1.41 31.53
CA ALA C 45 27.60 -1.03 30.21
C ALA C 45 29.11 -0.79 30.18
N ALA C 46 29.63 -0.08 31.18
CA ALA C 46 31.04 0.30 31.16
C ALA C 46 31.95 -0.91 31.32
N GLU C 47 31.50 -1.90 32.09
CA GLU C 47 32.35 -3.04 32.39
C GLU C 47 32.20 -4.20 31.40
N LEU C 48 31.24 -4.11 30.48
CA LEU C 48 31.09 -5.16 29.46
C LEU C 48 32.36 -5.45 28.66
N PRO C 49 33.08 -4.40 28.18
CA PRO C 49 34.29 -4.73 27.42
C PRO C 49 35.38 -5.36 28.28
N VAL C 50 35.39 -5.02 29.57
CA VAL C 50 36.35 -5.59 30.50
C VAL C 50 36.10 -7.10 30.66
N VAL C 51 34.85 -7.43 30.93
CA VAL C 51 34.45 -8.82 31.14
C VAL C 51 34.62 -9.65 29.86
N VAL C 52 34.08 -9.17 28.75
CA VAL C 52 34.17 -9.94 27.51
C VAL C 52 35.61 -10.04 27.01
N GLY C 53 36.37 -8.97 27.14
CA GLY C 53 37.78 -8.96 26.76
C GLY C 53 38.61 -9.95 27.56
N GLY C 54 38.14 -10.29 28.76
CA GLY C 54 38.89 -11.18 29.65
C GLY C 54 38.60 -12.66 29.49
N PHE C 55 37.58 -12.98 28.71
CA PHE C 55 37.19 -14.37 28.44
C PHE C 55 38.32 -15.18 27.80
N GLY C 56 38.64 -16.33 28.39
CA GLY C 56 39.57 -17.27 27.77
C GLY C 56 38.92 -17.99 26.59
N PRO C 57 39.67 -18.92 25.96
CA PRO C 57 39.35 -19.54 24.66
C PRO C 57 38.08 -20.38 24.68
N GLU C 58 37.69 -20.85 25.86
CA GLU C 58 36.56 -21.76 26.01
C GLU C 58 35.21 -21.05 25.98
N TRP C 59 35.22 -19.72 26.03
CA TRP C 59 33.98 -18.96 25.96
C TRP C 59 33.49 -18.84 24.51
N VAL C 60 32.25 -19.26 24.26
CA VAL C 60 31.71 -19.30 22.90
C VAL C 60 30.83 -18.08 22.62
N GLY C 61 30.31 -17.45 23.67
CA GLY C 61 29.44 -16.31 23.50
C GLY C 61 28.74 -15.96 24.80
N VAL C 62 28.08 -14.81 24.83
CA VAL C 62 27.29 -14.42 25.99
C VAL C 62 26.01 -13.72 25.56
N SER C 63 24.97 -13.95 26.35
CA SER C 63 23.74 -13.17 26.24
C SER C 63 23.95 -11.86 26.99
N VAL C 64 23.37 -10.78 26.49
CA VAL C 64 23.49 -9.50 27.16
C VAL C 64 22.10 -8.93 27.43
N THR C 65 21.80 -8.62 28.69
CA THR C 65 20.54 -7.97 29.01
C THR C 65 20.83 -6.56 29.55
N MET C 66 19.80 -5.85 30.02
CA MET C 66 20.00 -4.48 30.50
C MET C 66 21.06 -4.46 31.61
N PRO C 67 21.91 -3.42 31.63
CA PRO C 67 21.87 -2.22 30.78
C PRO C 67 22.93 -2.20 29.68
N GLY C 68 23.45 -3.37 29.27
CA GLY C 68 24.60 -3.35 28.38
C GLY C 68 24.38 -3.63 26.89
N LYS C 69 23.14 -3.57 26.42
CA LYS C 69 22.89 -3.93 25.02
C LYS C 69 23.45 -2.92 24.01
N PHE C 70 23.49 -1.65 24.39
CA PHE C 70 24.07 -0.64 23.50
C PHE C 70 25.58 -0.78 23.50
N ALA C 71 26.14 -1.06 24.67
CA ALA C 71 27.58 -1.29 24.80
C ALA C 71 28.00 -2.57 24.06
N ALA C 72 27.15 -3.59 24.09
CA ALA C 72 27.46 -4.82 23.36
C ALA C 72 27.60 -4.55 21.86
N LEU C 73 26.68 -3.75 21.31
CA LEU C 73 26.74 -3.40 19.89
C LEU C 73 28.05 -2.70 19.53
N ARG C 74 28.51 -1.79 20.39
CA ARG C 74 29.73 -1.03 20.13
C ARG C 74 31.00 -1.84 20.39
N PHE C 75 30.92 -2.83 21.29
CA PHE C 75 32.12 -3.59 21.63
C PHE C 75 32.54 -4.49 20.48
N ALA C 76 31.56 -5.10 19.84
CA ALA C 76 31.84 -6.12 18.83
C ALA C 76 32.52 -5.53 17.61
N ASP C 77 33.34 -6.33 16.94
CA ASP C 77 34.00 -5.82 15.75
C ASP C 77 33.20 -6.12 14.49
N GLU C 78 32.18 -6.96 14.63
CA GLU C 78 31.26 -7.31 13.55
C GLU C 78 29.84 -7.20 14.10
N ARG C 79 28.94 -6.55 13.36
CA ARG C 79 27.56 -6.36 13.83
C ARG C 79 26.60 -6.85 12.74
N THR C 80 25.57 -7.61 13.11
CA THR C 80 24.59 -8.03 12.10
C THR C 80 23.83 -6.80 11.61
N ALA C 81 23.26 -6.87 10.42
CA ALA C 81 22.55 -5.71 9.87
C ALA C 81 21.37 -5.33 10.76
N ARG C 82 20.73 -6.33 11.34
CA ARG C 82 19.54 -6.05 12.13
C ARG C 82 19.91 -5.45 13.48
N ALA C 83 21.09 -5.81 14.00
CA ALA C 83 21.58 -5.18 15.22
C ALA C 83 21.88 -3.71 14.95
N ASP C 84 22.45 -3.40 13.79
CA ASP C 84 22.65 -1.99 13.44
C ASP C 84 21.30 -1.28 13.35
N LEU C 85 20.34 -1.95 12.72
CA LEU C 85 19.02 -1.38 12.48
C LEU C 85 18.32 -0.99 13.78
N VAL C 86 18.33 -1.87 14.77
CA VAL C 86 17.66 -1.58 16.04
C VAL C 86 18.56 -0.81 17.02
N GLY C 87 19.85 -0.75 16.72
CA GLY C 87 20.79 0.05 17.49
C GLY C 87 21.24 -0.52 18.83
N SER C 88 21.11 -1.83 19.03
CA SER C 88 21.63 -2.47 20.23
C SER C 88 21.74 -3.97 19.95
N ALA C 89 22.44 -4.69 20.84
CA ALA C 89 22.68 -6.12 20.65
C ALA C 89 22.47 -6.86 21.96
N ASN C 90 21.81 -8.02 21.91
CA ASN C 90 21.62 -8.80 23.14
C ASN C 90 22.47 -10.06 23.10
N THR C 91 23.30 -10.16 22.08
CA THR C 91 24.02 -11.41 21.83
C THR C 91 25.41 -11.09 21.34
N LEU C 92 26.41 -11.70 21.98
CA LEU C 92 27.79 -11.61 21.52
C LEU C 92 28.36 -13.00 21.28
N VAL C 93 28.88 -13.25 20.07
CA VAL C 93 29.35 -14.57 19.69
C VAL C 93 30.80 -14.50 19.34
N ARG C 94 31.60 -15.43 19.87
CA ARG C 94 33.02 -15.41 19.55
C ARG C 94 33.26 -15.86 18.11
N THR C 95 34.10 -15.11 17.40
CA THR C 95 34.48 -15.44 16.04
C THR C 95 36.00 -15.66 16.03
N PRO C 96 36.56 -16.12 14.89
CA PRO C 96 38.01 -16.29 14.86
C PRO C 96 38.78 -15.03 15.22
N HIS C 97 38.34 -13.87 14.74
CA HIS C 97 39.09 -12.63 14.92
C HIS C 97 38.45 -11.62 15.88
N GLY C 98 37.46 -12.08 16.65
CA GLY C 98 36.87 -11.23 17.67
C GLY C 98 35.48 -11.66 18.10
N TRP C 99 34.54 -10.73 17.99
CA TRP C 99 33.19 -10.95 18.47
C TRP C 99 32.18 -10.36 17.51
N ARG C 100 31.06 -11.07 17.32
CA ARG C 100 29.96 -10.57 16.50
C ARG C 100 28.74 -10.28 17.36
N ALA C 101 28.15 -9.11 17.15
CA ALA C 101 26.95 -8.69 17.87
C ALA C 101 25.71 -8.93 17.04
N ASP C 102 24.66 -9.44 17.68
CA ASP C 102 23.38 -9.63 17.03
C ASP C 102 22.29 -9.21 18.01
N ASN C 103 21.08 -9.01 17.51
CA ASN C 103 19.96 -8.74 18.38
C ASN C 103 18.86 -9.76 18.14
N THR C 104 18.70 -10.72 19.06
CA THR C 104 17.68 -11.76 18.88
C THR C 104 16.33 -11.39 19.51
N ASP C 105 16.24 -10.20 20.09
CA ASP C 105 14.97 -9.73 20.66
C ASP C 105 13.98 -9.56 19.51
N ILE C 106 14.51 -9.35 18.30
CA ILE C 106 13.66 -9.37 17.11
C ILE C 106 12.97 -10.73 16.92
N ASP C 107 13.72 -11.82 17.06
CA ASP C 107 13.15 -13.16 16.98
C ASP C 107 12.20 -13.40 18.15
N GLY C 108 12.53 -12.79 19.28
CA GLY C 108 11.68 -12.84 20.46
C GLY C 108 10.27 -12.41 20.12
N VAL C 109 10.14 -11.26 19.46
CA VAL C 109 8.81 -10.75 19.14
C VAL C 109 8.18 -11.51 17.97
N ALA C 110 8.89 -11.66 16.86
CA ALA C 110 8.32 -12.37 15.73
C ALA C 110 7.95 -13.80 16.11
N GLY C 111 8.81 -14.45 16.88
CA GLY C 111 8.60 -15.84 17.23
C GLY C 111 7.45 -16.01 18.21
N ALA C 112 7.36 -15.10 19.18
CA ALA C 112 6.31 -15.23 20.19
C ALA C 112 4.93 -15.05 19.55
N LEU C 113 4.85 -14.16 18.56
CA LEU C 113 3.57 -13.92 17.89
C LEU C 113 3.29 -15.03 16.87
N GLY C 114 4.32 -15.43 16.14
CA GLY C 114 4.19 -16.54 15.20
C GLY C 114 3.71 -16.08 13.84
N ALA C 115 2.60 -15.36 13.85
CA ALA C 115 2.05 -14.79 12.64
C ALA C 115 1.33 -13.51 13.00
N ALA C 116 1.57 -12.47 12.20
CA ALA C 116 0.84 -11.22 12.36
C ALA C 116 0.68 -10.57 11.00
N ALA C 117 -0.34 -9.73 10.89
CA ALA C 117 -0.59 -9.02 9.64
C ALA C 117 -1.28 -7.68 9.93
N GLY C 118 -1.35 -6.82 8.93
CA GLY C 118 -2.13 -5.60 9.04
C GLY C 118 -1.61 -4.59 10.05
N HIS C 119 -2.37 -4.35 11.11
CA HIS C 119 -2.13 -3.21 12.00
C HIS C 119 -1.74 -3.64 13.40
N ALA C 120 -0.67 -3.03 13.90
CA ALA C 120 -0.16 -3.33 15.22
C ALA C 120 -0.06 -2.05 16.05
N LEU C 121 -0.05 -2.23 17.38
CA LEU C 121 0.23 -1.18 18.34
C LEU C 121 1.49 -1.60 19.08
N VAL C 122 2.42 -0.66 19.29
CA VAL C 122 3.56 -0.92 20.15
C VAL C 122 3.55 0.12 21.26
N LEU C 123 3.52 -0.34 22.51
CA LEU C 123 3.57 0.56 23.66
C LEU C 123 5.02 0.71 24.12
N GLY C 124 5.48 1.96 24.23
CA GLY C 124 6.84 2.23 24.67
C GLY C 124 7.76 2.66 23.56
N SER C 125 8.82 3.40 23.90
CA SER C 125 9.76 3.90 22.89
C SER C 125 11.18 3.36 23.04
N GLY C 126 11.50 2.81 24.20
CA GLY C 126 12.83 2.28 24.43
C GLY C 126 12.87 0.77 24.59
N GLY C 127 13.93 0.26 25.22
CA GLY C 127 14.06 -1.16 25.48
C GLY C 127 13.91 -2.05 24.25
N THR C 128 12.95 -2.98 24.30
CA THR C 128 12.75 -3.90 23.18
C THR C 128 11.77 -3.32 22.16
N ALA C 129 11.36 -2.06 22.33
CA ALA C 129 10.43 -1.48 21.37
C ALA C 129 10.97 -1.45 19.92
N PRO C 130 12.26 -1.13 19.71
CA PRO C 130 12.72 -1.20 18.32
C PRO C 130 12.73 -2.63 17.75
N ALA C 131 13.13 -3.61 18.55
CA ALA C 131 13.09 -5.01 18.13
C ALA C 131 11.66 -5.43 17.82
N ALA C 132 10.72 -4.92 18.60
CA ALA C 132 9.31 -5.20 18.39
C ALA C 132 8.82 -4.68 17.02
N VAL C 133 9.17 -3.44 16.71
CA VAL C 133 8.86 -2.85 15.41
C VAL C 133 9.43 -3.69 14.25
N VAL C 134 10.70 -4.05 14.34
CA VAL C 134 11.34 -4.84 13.29
C VAL C 134 10.72 -6.24 13.21
N GLY C 135 10.46 -6.86 14.37
CA GLY C 135 9.86 -8.19 14.38
C GLY C 135 8.47 -8.21 13.78
N LEU C 136 7.68 -7.18 14.10
CA LEU C 136 6.36 -7.03 13.49
C LEU C 136 6.48 -6.89 11.99
N ALA C 137 7.42 -6.04 11.55
CA ALA C 137 7.64 -5.86 10.12
C ALA C 137 7.97 -7.20 9.45
N GLU C 138 8.81 -7.97 10.13
CA GLU C 138 9.22 -9.28 9.62
C GLU C 138 8.01 -10.18 9.38
N LEU C 139 7.05 -10.14 10.29
CA LEU C 139 5.84 -10.97 10.17
C LEU C 139 4.92 -10.52 9.05
N GLY C 140 5.13 -9.29 8.53
CA GLY C 140 4.33 -8.82 7.42
C GLY C 140 3.34 -7.74 7.80
N VAL C 141 3.51 -7.18 8.99
CA VAL C 141 2.63 -6.10 9.46
C VAL C 141 2.90 -4.85 8.61
N THR C 142 1.85 -4.18 8.19
CA THR C 142 1.98 -3.05 7.26
C THR C 142 1.72 -1.68 7.89
N ASP C 143 1.20 -1.68 9.12
CA ASP C 143 0.85 -0.44 9.81
C ASP C 143 1.14 -0.59 11.29
N ILE C 144 1.88 0.36 11.85
CA ILE C 144 2.22 0.32 13.27
C ILE C 144 1.95 1.68 13.91
N THR C 145 1.28 1.67 15.04
CA THR C 145 1.11 2.88 15.83
C THR C 145 1.98 2.74 17.07
N VAL C 146 2.88 3.70 17.27
CA VAL C 146 3.71 3.71 18.48
C VAL C 146 3.06 4.60 19.52
N VAL C 147 2.74 4.04 20.68
CA VAL C 147 2.18 4.80 21.78
C VAL C 147 3.23 4.91 22.88
N ALA C 148 3.69 6.10 23.17
CA ALA C 148 4.76 6.22 24.15
C ALA C 148 4.69 7.55 24.88
N ARG C 149 5.41 7.65 26.00
CA ARG C 149 5.45 8.89 26.78
C ARG C 149 6.54 9.82 26.28
N ASN C 150 7.65 9.25 25.83
CA ASN C 150 8.75 10.05 25.29
C ASN C 150 8.53 10.31 23.81
N SER C 151 7.98 11.48 23.47
CA SER C 151 7.64 11.79 22.08
C SER C 151 8.87 11.80 21.16
N ASP C 152 10.01 12.24 21.67
CA ASP C 152 11.21 12.30 20.84
C ASP C 152 11.81 10.92 20.53
N LYS C 153 11.86 10.05 21.54
CA LYS C 153 12.34 8.70 21.34
C LYS C 153 11.37 7.97 20.42
N ALA C 154 10.09 8.35 20.50
CA ALA C 154 9.09 7.72 19.67
C ALA C 154 9.27 8.10 18.20
N ALA C 155 9.69 9.33 17.95
CA ALA C 155 9.88 9.83 16.58
C ALA C 155 10.96 9.02 15.89
N ARG C 156 11.99 8.64 16.64
CA ARG C 156 13.01 7.79 16.09
C ARG C 156 12.47 6.39 15.84
N LEU C 157 11.52 5.94 16.66
CA LEU C 157 10.92 4.61 16.46
C LEU C 157 10.01 4.60 15.22
N VAL C 158 9.34 5.73 14.99
CA VAL C 158 8.53 5.90 13.80
C VAL C 158 9.39 5.85 12.53
N ASP C 159 10.55 6.50 12.58
CA ASP C 159 11.47 6.52 11.46
C ASP C 159 12.01 5.13 11.15
N LEU C 160 12.20 4.31 12.19
CA LEU C 160 12.67 2.95 12.01
C LEU C 160 11.60 2.13 11.29
N GLY C 161 10.36 2.26 11.74
CA GLY C 161 9.24 1.59 11.07
C GLY C 161 9.21 1.92 9.59
N THR C 162 9.31 3.21 9.26
CA THR C 162 9.31 3.64 7.87
C THR C 162 10.48 3.02 7.11
N ARG C 163 11.63 2.96 7.78
CA ARG C 163 12.85 2.42 7.20
C ARG C 163 12.68 0.95 6.85
N VAL C 164 11.92 0.21 7.64
CA VAL C 164 11.68 -1.20 7.33
C VAL C 164 10.36 -1.43 6.58
N GLY C 165 9.83 -0.37 5.98
CA GLY C 165 8.71 -0.47 5.06
C GLY C 165 7.31 -0.51 5.65
N VAL C 166 7.17 -0.08 6.89
CA VAL C 166 5.86 -0.08 7.57
C VAL C 166 5.32 1.34 7.72
N ALA C 167 4.05 1.54 7.39
CA ALA C 167 3.41 2.82 7.66
C ALA C 167 3.39 2.99 9.17
N THR C 168 4.13 3.96 9.67
CA THR C 168 4.30 4.07 11.12
C THR C 168 3.97 5.47 11.59
N ARG C 169 3.37 5.58 12.77
CA ARG C 169 3.03 6.88 13.31
C ARG C 169 3.00 6.85 14.83
N PHE C 170 3.00 8.04 15.43
CA PHE C 170 2.98 8.17 16.87
C PHE C 170 1.58 8.49 17.37
N CYS C 171 1.21 7.93 18.52
CA CYS C 171 -0.04 8.29 19.21
C CYS C 171 0.25 8.51 20.70
N ALA C 172 -0.09 9.68 21.23
CA ALA C 172 0.13 9.93 22.65
C ALA C 172 -0.82 9.11 23.53
N PHE C 173 -0.40 8.73 24.74
CA PHE C 173 -1.26 7.94 25.62
C PHE C 173 -2.58 8.62 25.97
N ASP C 174 -2.52 9.93 26.20
CA ASP C 174 -3.55 10.59 26.96
C ASP C 174 -4.37 11.61 26.14
N SER C 175 -3.88 11.96 24.95
CA SER C 175 -4.52 13.03 24.17
C SER C 175 -5.87 12.66 23.55
N GLY C 176 -6.18 11.36 23.47
CA GLY C 176 -7.50 10.93 23.00
C GLY C 176 -7.52 10.00 21.81
N GLY C 177 -6.35 9.66 21.28
CA GLY C 177 -6.29 8.80 20.11
C GLY C 177 -6.14 7.32 20.41
N LEU C 178 -5.94 6.97 21.68
CA LEU C 178 -5.64 5.57 22.02
C LEU C 178 -6.78 4.59 21.70
N ALA C 179 -8.02 4.96 22.01
CA ALA C 179 -9.16 4.07 21.72
C ALA C 179 -9.25 3.74 20.24
N ASP C 180 -9.05 4.75 19.39
CA ASP C 180 -9.19 4.56 17.95
C ASP C 180 -8.03 3.72 17.42
N ALA C 181 -6.85 3.89 18.02
CA ALA C 181 -5.69 3.10 17.64
C ALA C 181 -5.90 1.62 17.97
N VAL C 182 -6.48 1.34 19.13
CA VAL C 182 -6.79 -0.04 19.53
C VAL C 182 -7.78 -0.67 18.56
N ALA C 183 -8.87 0.05 18.26
CA ALA C 183 -9.91 -0.49 17.40
C ALA C 183 -9.41 -0.83 16.00
N ALA C 184 -8.38 -0.11 15.54
CA ALA C 184 -7.79 -0.36 14.23
C ALA C 184 -6.80 -1.52 14.23
N ALA C 185 -6.35 -1.95 15.42
CA ALA C 185 -5.24 -2.88 15.53
C ALA C 185 -5.64 -4.34 15.79
N GLU C 186 -4.81 -5.28 15.32
CA GLU C 186 -5.06 -6.69 15.56
C GLU C 186 -4.13 -7.22 16.63
N VAL C 187 -3.00 -6.55 16.82
CA VAL C 187 -2.01 -7.00 17.80
C VAL C 187 -1.43 -5.81 18.56
N LEU C 188 -1.19 -6.03 19.85
CA LEU C 188 -0.54 -5.07 20.72
C LEU C 188 0.72 -5.70 21.32
N VAL C 189 1.86 -5.04 21.18
CA VAL C 189 3.07 -5.47 21.88
C VAL C 189 3.42 -4.39 22.89
N SER C 190 3.37 -4.74 24.17
CA SER C 190 3.61 -3.78 25.24
C SER C 190 5.00 -3.97 25.81
N THR C 191 5.84 -2.94 25.71
CA THR C 191 7.21 -2.98 26.23
C THR C 191 7.37 -2.10 27.45
N ILE C 192 6.28 -1.52 27.93
CA ILE C 192 6.34 -0.60 29.08
C ILE C 192 6.13 -1.38 30.40
N PRO C 193 6.48 -0.76 31.53
CA PRO C 193 6.24 -1.43 32.81
C PRO C 193 4.76 -1.75 33.02
N ALA C 194 4.48 -2.82 33.74
CA ALA C 194 3.10 -3.19 34.07
C ALA C 194 2.40 -2.08 34.84
N GLU C 195 3.16 -1.38 35.68
CA GLU C 195 2.65 -0.31 36.53
C GLU C 195 2.18 0.89 35.72
N VAL C 196 2.71 1.03 34.51
CA VAL C 196 2.34 2.13 33.62
C VAL C 196 1.17 1.69 32.76
N ALA C 197 1.21 0.48 32.24
CA ALA C 197 0.15 -0.02 31.37
C ALA C 197 -1.17 -0.22 32.12
N ALA C 198 -1.09 -0.49 33.42
CA ALA C 198 -2.27 -0.80 34.24
C ALA C 198 -3.42 0.20 34.07
N GLY C 199 -3.12 1.49 34.15
CA GLY C 199 -4.16 2.51 34.03
C GLY C 199 -4.87 2.53 32.67
N TYR C 200 -4.24 1.95 31.66
CA TYR C 200 -4.81 1.95 30.31
C TYR C 200 -5.47 0.62 29.96
N ALA C 201 -5.49 -0.32 30.92
CA ALA C 201 -5.98 -1.67 30.67
C ALA C 201 -7.38 -1.68 30.09
N GLY C 202 -8.27 -0.83 30.63
CA GLY C 202 -9.65 -0.78 30.18
C GLY C 202 -9.78 -0.39 28.72
N THR C 203 -8.93 0.53 28.29
CA THR C 203 -8.92 0.96 26.90
C THR C 203 -8.30 -0.09 25.98
N LEU C 204 -7.26 -0.76 26.47
CA LEU C 204 -6.49 -1.71 25.67
C LEU C 204 -7.10 -3.12 25.64
N ALA C 205 -8.05 -3.38 26.54
CA ALA C 205 -8.56 -4.74 26.75
C ALA C 205 -9.15 -5.41 25.51
N ALA C 206 -9.63 -4.58 24.58
CA ALA C 206 -10.34 -5.07 23.40
C ALA C 206 -9.42 -5.70 22.35
N ILE C 207 -8.10 -5.52 22.50
CA ILE C 207 -7.15 -5.97 21.46
C ILE C 207 -7.28 -7.48 21.21
N PRO C 208 -7.33 -7.89 19.94
CA PRO C 208 -7.46 -9.32 19.65
C PRO C 208 -6.29 -10.16 20.17
N VAL C 209 -5.09 -9.60 20.17
CA VAL C 209 -3.89 -10.33 20.56
C VAL C 209 -2.98 -9.41 21.37
N LEU C 210 -2.58 -9.86 22.56
CA LEU C 210 -1.63 -9.12 23.39
C LEU C 210 -0.35 -9.91 23.55
N LEU C 211 0.78 -9.27 23.26
CA LEU C 211 2.08 -9.76 23.70
C LEU C 211 2.62 -8.78 24.74
N ASP C 212 2.73 -9.25 25.97
CA ASP C 212 3.21 -8.38 27.04
C ASP C 212 4.64 -8.79 27.36
N ALA C 213 5.60 -7.86 27.24
CA ALA C 213 7.00 -8.20 27.46
C ALA C 213 7.27 -8.52 28.93
N ILE C 214 6.38 -8.05 29.82
CA ILE C 214 6.49 -8.39 31.24
C ILE C 214 6.08 -9.85 31.51
N TYR C 215 6.79 -10.54 32.41
CA TYR C 215 6.39 -11.92 32.77
C TYR C 215 6.39 -12.21 34.27
N ASP C 216 6.97 -11.32 35.06
CA ASP C 216 7.04 -11.53 36.51
C ASP C 216 6.95 -10.18 37.22
N PRO C 217 5.95 -9.98 38.08
CA PRO C 217 4.89 -10.91 38.50
C PRO C 217 3.89 -11.11 37.39
N TRP C 218 3.12 -12.19 37.45
CA TRP C 218 2.11 -12.47 36.42
C TRP C 218 0.80 -12.86 37.11
N PRO C 219 -0.36 -12.42 36.57
CA PRO C 219 -0.51 -11.61 35.36
C PRO C 219 -0.29 -10.13 35.60
N THR C 220 0.05 -9.41 34.54
CA THR C 220 -0.02 -7.96 34.59
C THR C 220 -1.50 -7.57 34.58
N PRO C 221 -1.81 -6.39 35.15
CA PRO C 221 -3.21 -5.94 35.02
C PRO C 221 -3.65 -5.90 33.55
N LEU C 222 -2.76 -5.48 32.66
CA LEU C 222 -3.08 -5.47 31.23
C LEU C 222 -3.42 -6.88 30.72
N ALA C 223 -2.60 -7.86 31.06
CA ALA C 223 -2.87 -9.24 30.62
C ALA C 223 -4.18 -9.78 31.18
N ALA C 224 -4.50 -9.39 32.41
CA ALA C 224 -5.73 -9.85 33.04
C ALA C 224 -6.94 -9.25 32.32
N ALA C 225 -6.84 -7.97 31.94
CA ALA C 225 -7.92 -7.30 31.23
C ALA C 225 -8.14 -7.89 29.84
N VAL C 226 -7.07 -8.17 29.12
CA VAL C 226 -7.23 -8.74 27.79
C VAL C 226 -7.76 -10.18 27.89
N GLY C 227 -7.22 -10.93 28.84
CA GLY C 227 -7.66 -12.29 29.08
C GLY C 227 -9.11 -12.35 29.47
N SER C 228 -9.55 -11.40 30.29
CA SER C 228 -10.93 -11.34 30.72
C SER C 228 -11.85 -11.09 29.52
N ALA C 229 -11.39 -10.24 28.61
CA ALA C 229 -12.16 -9.89 27.41
C ALA C 229 -12.12 -10.99 26.34
N GLY C 230 -11.15 -11.89 26.45
CA GLY C 230 -11.13 -13.02 25.54
C GLY C 230 -10.06 -12.94 24.46
N GLY C 231 -9.26 -11.89 24.49
CA GLY C 231 -8.17 -11.77 23.54
C GLY C 231 -7.13 -12.84 23.79
N ARG C 232 -6.30 -13.10 22.79
CA ARG C 232 -5.17 -14.01 22.95
C ARG C 232 -4.06 -13.34 23.75
N VAL C 233 -3.65 -13.97 24.84
CA VAL C 233 -2.64 -13.39 25.71
C VAL C 233 -1.34 -14.19 25.70
N ILE C 234 -0.25 -13.50 25.41
CA ILE C 234 1.07 -14.11 25.35
C ILE C 234 1.97 -13.37 26.34
N SER C 235 2.52 -14.09 27.31
CA SER C 235 3.40 -13.47 28.29
C SER C 235 4.81 -13.27 27.75
N GLY C 236 5.61 -12.48 28.48
CA GLY C 236 6.97 -12.17 28.06
C GLY C 236 7.90 -13.37 28.06
N LEU C 237 7.46 -14.47 28.68
CA LEU C 237 8.25 -15.69 28.72
C LEU C 237 8.42 -16.26 27.31
N GLN C 238 7.46 -16.00 26.44
CA GLN C 238 7.55 -16.45 25.05
C GLN C 238 8.58 -15.65 24.27
N MET C 239 8.69 -14.35 24.58
CA MET C 239 9.76 -13.57 23.96
C MET C 239 11.09 -14.09 24.42
N LEU C 240 11.19 -14.36 25.71
CA LEU C 240 12.40 -14.91 26.30
C LEU C 240 12.77 -16.20 25.60
N LEU C 241 11.78 -17.06 25.37
CA LEU C 241 11.99 -18.35 24.73
C LEU C 241 12.49 -18.16 23.31
N HIS C 242 11.78 -17.36 22.54
CA HIS C 242 12.11 -17.21 21.12
C HIS C 242 13.38 -16.43 20.86
N GLN C 243 13.77 -15.55 21.78
CA GLN C 243 15.05 -14.88 21.59
C GLN C 243 16.22 -15.82 21.95
N ALA C 244 15.94 -16.82 22.78
CA ALA C 244 16.98 -17.74 23.23
C ALA C 244 17.32 -18.80 22.19
N PHE C 245 16.38 -19.13 21.31
CA PHE C 245 16.62 -20.13 20.27
C PHE C 245 17.83 -19.76 19.43
N ALA C 246 17.85 -18.51 18.97
CA ALA C 246 18.94 -18.07 18.10
C ALA C 246 20.25 -17.94 18.85
N GLN C 247 20.19 -17.61 20.14
CA GLN C 247 21.43 -17.57 20.90
C GLN C 247 22.01 -18.98 21.03
N VAL C 248 21.15 -19.96 21.31
CA VAL C 248 21.62 -21.34 21.46
C VAL C 248 22.29 -21.81 20.17
N GLU C 249 21.67 -21.50 19.04
CA GLU C 249 22.23 -21.88 17.76
C GLU C 249 23.57 -21.24 17.49
N GLN C 250 23.69 -19.95 17.80
CA GLN C 250 24.96 -19.28 17.58
C GLN C 250 26.04 -19.72 18.57
N PHE C 251 25.65 -20.14 19.78
CA PHE C 251 26.65 -20.56 20.77
C PHE C 251 27.10 -22.02 20.55
N THR C 252 26.18 -22.87 20.11
CA THR C 252 26.46 -24.29 20.01
C THR C 252 26.75 -24.79 18.60
N GLY C 253 26.30 -24.05 17.59
CA GLY C 253 26.40 -24.53 16.21
C GLY C 253 25.45 -25.67 15.91
N LEU C 254 24.45 -25.87 16.77
CA LEU C 254 23.44 -26.91 16.62
C LEU C 254 22.03 -26.30 16.63
N PRO C 255 21.03 -27.01 16.08
CA PRO C 255 19.66 -26.48 16.10
C PRO C 255 19.13 -26.35 17.53
N ALA C 256 18.43 -25.26 17.82
CA ALA C 256 17.80 -25.12 19.14
C ALA C 256 16.86 -26.27 19.40
N PRO C 257 17.00 -26.91 20.57
CA PRO C 257 16.07 -27.97 20.98
C PRO C 257 14.79 -27.34 21.50
N ARG C 258 13.92 -26.93 20.59
CA ARG C 258 12.80 -26.07 20.93
C ARG C 258 11.85 -26.72 21.90
N GLU C 259 11.55 -27.99 21.64
CA GLU C 259 10.62 -28.75 22.47
C GLU C 259 11.12 -28.84 23.91
N ALA C 260 12.41 -29.13 24.08
CA ALA C 260 13.00 -29.21 25.42
C ALA C 260 13.04 -27.83 26.11
N MET C 261 13.37 -26.78 25.36
CA MET C 261 13.41 -25.46 25.95
C MET C 261 11.98 -25.00 26.26
N THR C 262 11.04 -25.42 25.42
CA THR C 262 9.63 -25.07 25.64
C THR C 262 9.08 -25.69 26.91
N CYS C 263 9.39 -26.97 27.13
CA CYS C 263 8.92 -27.66 28.33
C CYS C 263 9.58 -27.06 29.59
N ALA C 264 10.81 -26.59 29.44
CA ALA C 264 11.50 -25.96 30.56
C ALA C 264 10.86 -24.61 30.84
N LEU C 265 10.45 -23.92 29.78
CA LEU C 265 9.72 -22.65 29.93
C LEU C 265 8.36 -22.87 30.58
N ALA C 266 7.65 -23.93 30.18
CA ALA C 266 6.32 -24.19 30.73
C ALA C 266 6.38 -24.45 32.23
N ALA C 267 7.44 -25.13 32.67
CA ALA C 267 7.61 -25.45 34.07
C ALA C 267 7.95 -24.22 34.92
#